data_7N9Z
#
_entry.id   7N9Z
#
_cell.length_a   1.00
_cell.length_b   1.00
_cell.length_c   1.00
_cell.angle_alpha   90.00
_cell.angle_beta   90.00
_cell.angle_gamma   90.00
#
_symmetry.space_group_name_H-M   'P 1'
#
loop_
_entity.id
_entity.type
_entity.pdbx_description
1 polymer 'Cytochrome o ubiquinol oxidase, subunit I'
2 polymer 'Ubiquinol oxidase subunit 2'
3 polymer 'Cytochrome o ubiquinol oxidase'
4 polymer 'Cytochrome o ubiquinol oxidase, subunit IV'
5 non-polymer Ubiquinone-8
6 non-polymer 1,2-DIPALMITOYL-PHOSPHATIDYL-GLYCEROLE
7 non-polymer 1,2-Distearoyl-sn-glycerophosphoethanolamine
8 non-polymer 'HEME O'
9 non-polymer 'PROTOPORPHYRIN IX CONTAINING FE'
10 non-polymer CARDIOLIPIN
11 non-polymer 'COPPER (II) ION'
12 non-polymer 'ZINC ION'
13 water water
#
loop_
_entity_poly.entity_id
_entity_poly.type
_entity_poly.pdbx_seq_one_letter_code
_entity_poly.pdbx_strand_id
1 'polypeptide(L)'
;MFGKLSLDAVPFHEPIVMVTIAGIILGGLALVGLITYFGKWTYLWKEWLTSVDHKRLGIMYIIVAIVMLLRGFADAIMMR
SQQALASAGEAGFLPPHHYDQIFTAHGVIMIFFVAMPFVIGLMNLVVPLQIGARDVAFPFLNNLSFWFTVVGVILVNVSL
GVGEFAQTGWLAYPPLSGIEYSPGVGVDYWIWSLQLSGIGTTLTGINFFVTILKMRAPGMTMFKMPVFTWASLCANVLII
ASFPILTVTVALLTLDRYLGTHFFTNDMGGNMMMYINLIWAWGHPEVYILILPVFGVFSEIAATFSRKRLFGYTSLVWAT
VCITVLSFIVWLHHFFTMGAGANVNAFFGITTMIIAIPTGVKIFNWLFTMYQGRIVFHSAMLWTIGFIVTFSVGGMTGVL
LAVPGADFVLHNSLFLIAHFHNVIIGGVVFGCFAGMTYWWPKAFGFKLNETWGKRAFWFWIIGFFVAFMPLYALGFMGMT
RRLSQQIDPQFHTMLMIAASGAVLIALGILCLVIQMYVSIRDRDQNRDLTGDPWGGRTLEWATSSPPPFYNFAVVPHVHE
RDAFWEMKEKGEAYKKPDHYEEIHMPKNSGAGIVIAAFSTIFGFAMIWHIWWLAIVGFAGMIITWIVKSFDEDVDYYVPV
AEIEKLENQHFDEITKAGLKNGN
;
F
2 'polypeptide(L)'
;MRLRKYNKSLGWLSLFAGTVLLSGCNSALLDPKGQIGLEQRSLILTAFGLMLIVVIPAILMAVGFAWKYRASNKDAKYSP
NWSHSNKVEAVVWTVPILIIIFLAVLTWKTTHALEPSKPLAHDEKPITIEVVSMDWKWFFIYPEQGIATVNEIAFPANTP
VYFKVTSNSVMNSFFIPRLGSQIYAMAGMQTRLHLIANEPGTYDGISASYSGPGFSGMKFKAIATPDRAAFDQWVAKAKQ
SPNTMSDMAAFEKLAAPSEYNQVEYFSNVKPDLFADVINKFMAHGKSMDMTQPEGEHSAHEGMEGMDMSHAESAH
;
G
3 'polypeptide(L)'
;MATDTLTHATAHAHEHGHHDAGGTKIFGFWIYLMSDCILFSILFATYAVLVNGTAGGPTGKDIFELPFVLVETFLLLFSS
ITYGMAAIAMYKNNKSQVISWLALTWLFGAGFIGMEIYEFHHLIVNGMGPDRSGFLSAFFALVGTHGLHVTSGLIWMAVL
MVQIARRGLTSTNRTRIMCLSLFWHFLDVVWICVFTVVYLMGAM
;
H
4 'polypeptide(L)'
;MSHSTDHSGASHGSVKTYMTGFILSIILTVIPFWMVMTGAASPAVILGTILAMAVVQVLVHLVCFLHMNTKSDEGWNMTA
FVFTVLIIAILVVGSIWIMWNLNYNMMMH
;
I
#
# COMPACT_ATOMS: atom_id res chain seq x y z
N MET A 1 15.36 12.78 30.07
CA MET A 1 14.31 11.88 30.63
C MET A 1 13.01 11.98 29.85
N PHE A 2 12.86 13.08 29.11
CA PHE A 2 11.70 13.28 28.26
C PHE A 2 12.10 13.42 26.79
N GLY A 3 13.37 13.17 26.45
CA GLY A 3 13.80 13.31 25.08
C GLY A 3 13.54 14.71 24.58
N LYS A 4 13.00 14.81 23.36
CA LYS A 4 12.61 16.08 22.78
C LYS A 4 11.27 16.58 23.30
N LEU A 5 10.50 15.74 23.99
CA LEU A 5 9.16 16.12 24.38
C LEU A 5 9.21 17.29 25.35
N SER A 6 8.36 18.28 25.11
CA SER A 6 8.32 19.49 25.92
C SER A 6 6.96 20.13 25.77
N LEU A 7 6.66 21.06 26.68
CA LEU A 7 5.39 21.77 26.62
C LEU A 7 5.22 22.48 25.28
N ASP A 8 6.33 22.92 24.67
CA ASP A 8 6.25 23.59 23.38
C ASP A 8 5.71 22.68 22.28
N ALA A 9 5.70 21.37 22.49
CA ALA A 9 5.12 20.47 21.50
C ALA A 9 3.61 20.70 21.36
N VAL A 10 2.95 21.11 22.42
CA VAL A 10 1.51 21.37 22.37
C VAL A 10 1.27 22.66 21.58
N PRO A 11 0.41 22.66 20.56
CA PRO A 11 0.23 23.89 19.78
C PRO A 11 -0.81 24.82 20.40
N PHE A 12 -0.42 25.44 21.51
CA PHE A 12 -1.32 26.37 22.19
C PHE A 12 -1.70 27.53 21.29
N HIS A 13 -0.73 28.04 20.53
CA HIS A 13 -0.94 29.22 19.71
C HIS A 13 -2.00 29.00 18.63
N GLU A 14 -2.23 27.76 18.22
CA GLU A 14 -3.17 27.48 17.15
C GLU A 14 -4.58 27.36 17.70
N PRO A 15 -5.51 28.27 17.34
CA PRO A 15 -6.86 28.17 17.92
C PRO A 15 -7.67 27.00 17.38
N ILE A 16 -7.58 26.72 16.08
CA ILE A 16 -8.40 25.66 15.50
C ILE A 16 -7.97 24.30 16.05
N VAL A 17 -6.66 24.03 16.05
CA VAL A 17 -6.17 22.77 16.56
C VAL A 17 -6.44 22.64 18.06
N MET A 18 -6.30 23.73 18.81
CA MET A 18 -6.57 23.67 20.24
C MET A 18 -8.04 23.38 20.51
N VAL A 19 -8.93 24.02 19.75
CA VAL A 19 -10.36 23.72 19.90
C VAL A 19 -10.62 22.26 19.59
N THR A 20 -9.97 21.74 18.56
CA THR A 20 -10.14 20.33 18.22
C THR A 20 -9.66 19.42 19.34
N ILE A 21 -8.49 19.73 19.92
CA ILE A 21 -7.97 18.91 21.00
C ILE A 21 -8.92 18.93 22.19
N ALA A 22 -9.42 20.12 22.54
CA ALA A 22 -10.37 20.22 23.64
C ALA A 22 -11.64 19.42 23.35
N GLY A 23 -12.13 19.51 22.11
CA GLY A 23 -13.34 18.77 21.76
C GLY A 23 -13.14 17.27 21.85
N ILE A 24 -12.01 16.77 21.34
CA ILE A 24 -11.73 15.35 21.41
C ILE A 24 -11.58 14.90 22.85
N ILE A 25 -10.89 15.69 23.67
CA ILE A 25 -10.73 15.33 25.07
C ILE A 25 -12.08 15.29 25.78
N LEU A 26 -12.95 16.27 25.51
CA LEU A 26 -14.27 16.28 26.12
C LEU A 26 -15.09 15.09 25.65
N GLY A 27 -14.99 14.72 24.37
CA GLY A 27 -15.71 13.56 23.89
C GLY A 27 -15.22 12.27 24.53
N GLY A 28 -13.90 12.15 24.69
CA GLY A 28 -13.36 10.98 25.37
C GLY A 28 -13.81 10.91 26.82
N LEU A 29 -13.80 12.06 27.51
CA LEU A 29 -14.29 12.08 28.88
C LEU A 29 -15.76 11.71 28.95
N ALA A 30 -16.55 12.20 27.99
CA ALA A 30 -17.98 11.84 27.95
C ALA A 30 -18.16 10.35 27.73
N LEU A 31 -17.38 9.76 26.82
CA LEU A 31 -17.49 8.32 26.60
C LEU A 31 -17.10 7.54 27.85
N VAL A 32 -16.00 7.93 28.49
CA VAL A 32 -15.58 7.25 29.71
C VAL A 32 -16.66 7.37 30.78
N GLY A 33 -17.24 8.57 30.93
CA GLY A 33 -18.25 8.77 31.94
C GLY A 33 -19.53 8.00 31.66
N LEU A 34 -19.93 7.92 30.39
CA LEU A 34 -21.10 7.13 30.04
C LEU A 34 -20.86 5.65 30.30
N ILE A 35 -19.68 5.15 29.93
CA ILE A 35 -19.37 3.74 30.20
C ILE A 35 -19.37 3.48 31.70
N THR A 36 -18.82 4.42 32.48
CA THR A 36 -18.80 4.27 33.93
C THR A 36 -20.22 4.28 34.51
N TYR A 37 -21.03 5.23 34.07
CA TYR A 37 -22.38 5.39 34.63
C TYR A 37 -23.23 4.15 34.38
N PHE A 38 -23.18 3.61 33.16
CA PHE A 38 -23.88 2.37 32.86
C PHE A 38 -23.12 1.15 33.36
N GLY A 39 -21.92 1.32 33.90
CA GLY A 39 -21.18 0.21 34.48
C GLY A 39 -20.92 -0.91 33.50
N LYS A 40 -20.47 -0.57 32.30
CA LYS A 40 -20.22 -1.54 31.25
C LYS A 40 -18.73 -1.81 31.05
N TRP A 41 -17.87 -1.35 31.95
CA TRP A 41 -16.44 -1.57 31.77
C TRP A 41 -16.12 -3.05 31.73
N THR A 42 -16.68 -3.83 32.66
CA THR A 42 -16.44 -5.26 32.67
C THR A 42 -16.99 -5.92 31.41
N TYR A 43 -18.22 -5.55 31.02
CA TYR A 43 -18.80 -6.12 29.81
C TYR A 43 -17.93 -5.80 28.60
N LEU A 44 -17.53 -4.55 28.48
CA LEU A 44 -16.66 -4.17 27.37
C LEU A 44 -15.39 -5.01 27.36
N TRP A 45 -14.69 -5.04 28.50
CA TRP A 45 -13.41 -5.75 28.55
C TRP A 45 -13.57 -7.23 28.22
N LYS A 46 -14.60 -7.86 28.76
CA LYS A 46 -14.73 -9.31 28.62
C LYS A 46 -15.35 -9.74 27.30
N GLU A 47 -16.14 -8.90 26.64
CA GLU A 47 -16.86 -9.32 25.45
C GLU A 47 -16.36 -8.68 24.16
N TRP A 48 -15.67 -7.54 24.21
CA TRP A 48 -15.19 -6.89 23.00
C TRP A 48 -13.68 -6.69 22.99
N LEU A 49 -13.12 -6.06 24.02
CA LEU A 49 -11.71 -5.68 23.96
C LEU A 49 -10.80 -6.89 23.90
N THR A 50 -11.07 -7.90 24.72
CA THR A 50 -10.29 -9.13 24.71
C THR A 50 -10.88 -10.18 23.80
N SER A 51 -11.92 -9.84 23.04
CA SER A 51 -12.61 -10.83 22.23
C SER A 51 -11.69 -11.43 21.18
N VAL A 52 -11.77 -12.75 21.03
CA VAL A 52 -11.14 -13.46 19.94
C VAL A 52 -12.16 -13.93 18.92
N ASP A 53 -13.41 -13.49 19.05
CA ASP A 53 -14.46 -13.81 18.10
C ASP A 53 -14.35 -12.89 16.89
N HIS A 54 -14.31 -13.48 15.70
CA HIS A 54 -14.11 -12.70 14.48
C HIS A 54 -15.24 -11.70 14.25
N LYS A 55 -16.45 -12.01 14.72
CA LYS A 55 -17.57 -11.10 14.50
C LYS A 55 -17.40 -9.83 15.32
N ARG A 56 -17.04 -9.97 16.59
CA ARG A 56 -16.75 -8.80 17.42
C ARG A 56 -15.59 -7.99 16.86
N LEU A 57 -14.53 -8.66 16.42
CA LEU A 57 -13.38 -7.95 15.89
C LEU A 57 -13.72 -7.21 14.59
N GLY A 58 -14.53 -7.83 13.74
CA GLY A 58 -14.96 -7.13 12.52
C GLY A 58 -15.77 -5.89 12.83
N ILE A 59 -16.71 -6.01 13.78
CA ILE A 59 -17.48 -4.83 14.18
C ILE A 59 -16.56 -3.74 14.71
N MET A 60 -15.57 -4.12 15.54
CA MET A 60 -14.67 -3.13 16.11
C MET A 60 -13.83 -2.47 15.02
N TYR A 61 -13.36 -3.25 14.05
CA TYR A 61 -12.66 -2.69 12.91
C TYR A 61 -13.50 -1.62 12.23
N ILE A 62 -14.78 -1.94 11.97
CA ILE A 62 -15.62 -1.00 11.24
C ILE A 62 -15.91 0.23 12.10
N ILE A 63 -16.05 0.06 13.41
CA ILE A 63 -16.26 1.22 14.29
C ILE A 63 -15.06 2.15 14.19
N VAL A 64 -13.85 1.60 14.26
CA VAL A 64 -12.65 2.41 14.11
C VAL A 64 -12.66 3.12 12.76
N ALA A 65 -13.02 2.39 11.70
CA ALA A 65 -13.02 2.97 10.36
C ALA A 65 -13.99 4.15 10.27
N ILE A 66 -15.18 4.02 10.83
CA ILE A 66 -16.19 5.08 10.72
C ILE A 66 -15.76 6.30 11.53
N VAL A 67 -15.25 6.07 12.75
CA VAL A 67 -14.80 7.19 13.56
C VAL A 67 -13.68 7.94 12.85
N MET A 68 -12.73 7.20 12.25
CA MET A 68 -11.65 7.88 11.54
C MET A 68 -12.14 8.51 10.25
N LEU A 69 -13.21 7.97 9.66
CA LEU A 69 -13.81 8.62 8.50
C LEU A 69 -14.29 10.01 8.87
N LEU A 70 -14.81 10.17 10.08
CA LEU A 70 -15.19 11.50 10.54
C LEU A 70 -14.02 12.48 10.47
N ARG A 71 -12.87 12.10 11.03
CA ARG A 71 -11.71 12.99 11.02
C ARG A 71 -11.19 13.23 9.62
N GLY A 72 -11.10 12.18 8.81
CA GLY A 72 -10.63 12.35 7.44
C GLY A 72 -11.51 13.30 6.66
N PHE A 73 -12.83 13.19 6.84
CA PHE A 73 -13.73 14.08 6.12
C PHE A 73 -13.65 15.50 6.67
N ALA A 74 -13.43 15.67 7.97
CA ALA A 74 -13.20 17.02 8.48
C ALA A 74 -11.98 17.64 7.82
N ASP A 75 -10.91 16.87 7.67
CA ASP A 75 -9.74 17.35 6.95
C ASP A 75 -10.11 17.75 5.52
N ALA A 76 -10.89 16.92 4.83
CA ALA A 76 -11.27 17.22 3.46
C ALA A 76 -12.09 18.51 3.38
N ILE A 77 -13.00 18.71 4.33
CA ILE A 77 -13.82 19.92 4.35
C ILE A 77 -12.94 21.15 4.57
N MET A 78 -11.98 21.04 5.50
CA MET A 78 -11.07 22.15 5.72
C MET A 78 -10.29 22.48 4.47
N MET A 79 -9.81 21.46 3.75
CA MET A 79 -9.06 21.70 2.52
C MET A 79 -9.93 22.38 1.47
N ARG A 80 -11.17 21.90 1.30
CA ARG A 80 -12.06 22.51 0.31
C ARG A 80 -12.34 23.97 0.62
N SER A 81 -12.60 24.27 1.89
CA SER A 81 -12.84 25.65 2.29
C SER A 81 -11.60 26.51 2.06
N GLN A 82 -10.42 25.99 2.43
CA GLN A 82 -9.20 26.76 2.24
C GLN A 82 -8.98 27.07 0.76
N GLN A 83 -9.21 26.08 -0.10
CA GLN A 83 -8.97 26.30 -1.52
C GLN A 83 -9.98 27.27 -2.10
N ALA A 84 -11.25 27.18 -1.69
CA ALA A 84 -12.24 28.15 -2.14
C ALA A 84 -11.86 29.57 -1.72
N LEU A 85 -11.38 29.73 -0.48
CA LEU A 85 -11.01 31.06 -0.01
C LEU A 85 -9.75 31.56 -0.72
N ALA A 86 -8.79 30.68 -0.96
CA ALA A 86 -7.52 31.10 -1.54
C ALA A 86 -7.64 31.39 -3.02
N SER A 87 -8.58 30.74 -3.72
CA SER A 87 -8.80 31.05 -5.12
C SER A 87 -9.57 32.35 -5.32
N ALA A 88 -10.17 32.90 -4.26
CA ALA A 88 -10.83 34.20 -4.31
C ALA A 88 -9.87 35.35 -4.08
N GLY A 89 -8.61 35.07 -3.75
CA GLY A 89 -7.64 36.11 -3.49
C GLY A 89 -7.58 36.48 -2.02
N GLU A 90 -7.55 35.47 -1.16
CA GLU A 90 -7.53 35.69 0.28
C GLU A 90 -6.58 34.69 0.91
N ALA A 91 -6.06 35.05 2.08
CA ALA A 91 -5.15 34.16 2.80
C ALA A 91 -5.83 32.87 3.23
N GLY A 92 -7.14 32.87 3.39
CA GLY A 92 -7.79 31.73 3.99
C GLY A 92 -7.48 31.67 5.47
N PHE A 93 -7.69 30.50 6.04
CA PHE A 93 -7.46 30.27 7.46
C PHE A 93 -6.45 29.18 7.74
N LEU A 94 -5.96 28.48 6.73
CA LEU A 94 -4.94 27.44 6.90
C LEU A 94 -3.66 27.86 6.20
N PRO A 95 -2.64 28.29 6.92
CA PRO A 95 -1.34 28.53 6.32
C PRO A 95 -0.71 27.22 5.89
N PRO A 96 0.36 27.27 5.08
CA PRO A 96 0.93 26.01 4.56
C PRO A 96 1.35 25.04 5.66
N HIS A 97 1.88 25.52 6.78
N HIS A 97 1.89 25.50 6.77
CA HIS A 97 2.33 24.62 7.82
CA HIS A 97 2.38 24.57 7.79
C HIS A 97 1.21 23.74 8.35
C HIS A 97 1.25 23.77 8.41
N HIS A 98 -0.02 24.26 8.40
N HIS A 98 0.02 24.28 8.38
CA HIS A 98 -1.15 23.46 8.83
CA HIS A 98 -1.16 23.53 8.83
C HIS A 98 -1.83 22.75 7.67
C HIS A 98 -1.81 22.77 7.68
N TYR A 99 -1.93 23.40 6.52
CA TYR A 99 -2.60 22.77 5.38
C TYR A 99 -1.86 21.53 4.90
N ASP A 100 -0.53 21.59 4.86
CA ASP A 100 0.24 20.44 4.40
C ASP A 100 0.09 19.27 5.36
N GLN A 101 0.15 19.54 6.67
CA GLN A 101 -0.22 18.54 7.66
C GLN A 101 -1.58 17.96 7.34
N ILE A 102 -2.53 18.82 7.02
CA ILE A 102 -3.92 18.37 6.85
C ILE A 102 -4.02 17.39 5.68
N PHE A 103 -3.42 17.72 4.54
CA PHE A 103 -3.58 16.80 3.42
C PHE A 103 -2.78 15.53 3.61
N THR A 104 -1.60 15.61 4.24
CA THR A 104 -0.85 14.39 4.55
C THR A 104 -1.65 13.48 5.47
N ALA A 105 -2.19 14.04 6.55
CA ALA A 105 -2.95 13.26 7.50
C ALA A 105 -4.23 12.73 6.88
N HIS A 106 -4.88 13.52 6.03
CA HIS A 106 -6.09 13.04 5.37
C HIS A 106 -5.79 11.81 4.55
N GLY A 107 -4.72 11.86 3.74
CA GLY A 107 -4.37 10.69 2.95
C GLY A 107 -4.08 9.48 3.83
N VAL A 108 -3.24 9.66 4.85
CA VAL A 108 -2.85 8.54 5.70
C VAL A 108 -4.07 7.95 6.39
N ILE A 109 -4.90 8.80 6.97
CA ILE A 109 -6.06 8.33 7.71
C ILE A 109 -7.02 7.59 6.78
N MET A 110 -7.44 8.26 5.70
CA MET A 110 -8.42 7.63 4.82
C MET A 110 -7.92 6.31 4.27
N ILE A 111 -6.62 6.17 3.98
CA ILE A 111 -6.13 4.91 3.44
C ILE A 111 -5.99 3.86 4.53
N PHE A 112 -5.17 4.12 5.54
CA PHE A 112 -4.76 3.09 6.47
C PHE A 112 -5.74 2.85 7.61
N PHE A 113 -6.55 3.84 7.99
CA PHE A 113 -7.39 3.74 9.16
C PHE A 113 -8.87 3.99 8.86
N VAL A 114 -9.23 4.13 7.60
CA VAL A 114 -10.64 4.12 7.22
C VAL A 114 -10.86 3.00 6.21
N ALA A 115 -10.24 3.11 5.04
CA ALA A 115 -10.47 2.12 3.99
C ALA A 115 -9.99 0.74 4.42
N MET A 116 -8.75 0.64 4.88
CA MET A 116 -8.21 -0.66 5.27
C MET A 116 -9.00 -1.31 6.40
N PRO A 117 -9.22 -0.65 7.54
CA PRO A 117 -10.00 -1.31 8.59
C PRO A 117 -11.42 -1.63 8.17
N PHE A 118 -12.04 -0.85 7.29
CA PHE A 118 -13.40 -1.16 6.87
C PHE A 118 -13.46 -2.48 6.10
N VAL A 119 -12.62 -2.63 5.07
CA VAL A 119 -12.64 -3.87 4.29
C VAL A 119 -12.17 -5.04 5.15
N ILE A 120 -11.16 -4.80 6.00
CA ILE A 120 -10.66 -5.88 6.85
C ILE A 120 -11.75 -6.32 7.82
N GLY A 121 -12.49 -5.39 8.41
CA GLY A 121 -13.56 -5.74 9.32
C GLY A 121 -14.69 -6.47 8.63
N LEU A 122 -15.03 -6.04 7.40
CA LEU A 122 -16.04 -6.77 6.64
C LEU A 122 -15.61 -8.20 6.36
N MET A 123 -14.35 -8.38 5.96
CA MET A 123 -13.83 -9.72 5.74
C MET A 123 -13.84 -10.53 7.03
N ASN A 124 -13.42 -9.91 8.14
CA ASN A 124 -13.43 -10.58 9.43
C ASN A 124 -14.82 -11.07 9.78
N LEU A 125 -15.83 -10.21 9.59
CA LEU A 125 -17.19 -10.58 9.94
C LEU A 125 -17.72 -11.69 9.05
N VAL A 126 -17.47 -11.60 7.74
CA VAL A 126 -18.21 -12.42 6.79
C VAL A 126 -17.49 -13.72 6.47
N VAL A 127 -16.18 -13.67 6.21
CA VAL A 127 -15.51 -14.81 5.59
C VAL A 127 -15.68 -16.10 6.39
N PRO A 128 -15.43 -16.13 7.70
CA PRO A 128 -15.60 -17.39 8.43
C PRO A 128 -17.01 -17.96 8.31
N LEU A 129 -18.02 -17.09 8.33
CA LEU A 129 -19.40 -17.57 8.17
C LEU A 129 -19.64 -18.13 6.78
N GLN A 130 -19.11 -17.48 5.75
CA GLN A 130 -19.39 -17.89 4.38
C GLN A 130 -18.79 -19.26 4.08
N ILE A 131 -17.63 -19.58 4.66
CA ILE A 131 -17.00 -20.86 4.39
C ILE A 131 -17.43 -21.94 5.37
N GLY A 132 -18.29 -21.61 6.33
CA GLY A 132 -18.73 -22.59 7.30
C GLY A 132 -17.74 -22.87 8.40
N ALA A 133 -16.88 -21.92 8.73
CA ALA A 133 -15.94 -22.05 9.83
C ALA A 133 -16.50 -21.40 11.09
N ARG A 134 -15.97 -21.84 12.23
CA ARG A 134 -16.39 -21.28 13.52
C ARG A 134 -15.56 -20.08 13.94
N ASP A 135 -14.38 -19.92 13.36
CA ASP A 135 -13.50 -18.80 13.69
C ASP A 135 -12.43 -18.73 12.61
N VAL A 136 -11.60 -17.70 12.68
CA VAL A 136 -10.42 -17.61 11.83
C VAL A 136 -9.39 -18.61 12.33
N ALA A 137 -8.36 -18.87 11.52
CA ALA A 137 -7.36 -19.87 11.89
C ALA A 137 -6.65 -19.50 13.19
N PHE A 138 -6.35 -18.22 13.38
CA PHE A 138 -5.55 -17.74 14.50
C PHE A 138 -6.32 -16.64 15.23
N PRO A 139 -7.24 -17.01 16.12
CA PRO A 139 -8.10 -15.98 16.75
C PRO A 139 -7.33 -14.95 17.57
N PHE A 140 -6.38 -15.40 18.38
CA PHE A 140 -5.59 -14.46 19.17
C PHE A 140 -4.80 -13.52 18.25
N LEU A 141 -4.27 -14.06 17.15
CA LEU A 141 -3.61 -13.22 16.16
C LEU A 141 -4.57 -12.18 15.61
N ASN A 142 -5.83 -12.56 15.42
CA ASN A 142 -6.84 -11.61 14.96
C ASN A 142 -7.00 -10.44 15.93
N ASN A 143 -7.12 -10.76 17.23
CA ASN A 143 -7.23 -9.72 18.23
C ASN A 143 -6.00 -8.81 18.23
N LEU A 144 -4.82 -9.41 18.15
CA LEU A 144 -3.59 -8.64 18.16
C LEU A 144 -3.51 -7.72 16.93
N SER A 145 -3.93 -8.21 15.77
CA SER A 145 -3.94 -7.38 14.56
C SER A 145 -4.84 -6.18 14.74
N PHE A 146 -6.04 -6.40 15.27
CA PHE A 146 -6.93 -5.26 15.50
C PHE A 146 -6.27 -4.25 16.41
N TRP A 147 -5.60 -4.70 17.46
CA TRP A 147 -5.04 -3.75 18.41
C TRP A 147 -3.81 -3.04 17.84
N PHE A 148 -3.07 -3.67 16.93
CA PHE A 148 -2.00 -2.94 16.24
C PHE A 148 -2.56 -1.84 15.35
N THR A 149 -3.68 -2.12 14.68
CA THR A 149 -4.36 -1.06 13.94
C THR A 149 -4.73 0.09 14.88
N VAL A 150 -5.25 -0.24 16.06
CA VAL A 150 -5.61 0.80 17.01
C VAL A 150 -4.38 1.58 17.45
N VAL A 151 -3.23 0.91 17.55
CA VAL A 151 -1.98 1.61 17.88
C VAL A 151 -1.70 2.69 16.85
N GLY A 152 -1.82 2.33 15.57
CA GLY A 152 -1.60 3.34 14.53
C GLY A 152 -2.56 4.50 14.64
N VAL A 153 -3.85 4.20 14.88
CA VAL A 153 -4.86 5.25 15.01
C VAL A 153 -4.50 6.19 16.15
N ILE A 154 -4.11 5.61 17.30
CA ILE A 154 -3.76 6.43 18.45
C ILE A 154 -2.57 7.33 18.14
N LEU A 155 -1.54 6.78 17.49
CA LEU A 155 -0.37 7.60 17.20
C LEU A 155 -0.72 8.76 16.29
N VAL A 156 -1.50 8.49 15.23
N VAL A 156 -1.50 8.48 15.23
CA VAL A 156 -1.81 9.56 14.29
CA VAL A 156 -1.83 9.55 14.29
C VAL A 156 -2.69 10.62 14.95
C VAL A 156 -2.67 10.61 14.97
N ASN A 157 -3.59 10.21 15.84
CA ASN A 157 -4.42 11.19 16.54
C ASN A 157 -3.64 11.95 17.60
N VAL A 158 -2.66 11.30 18.25
CA VAL A 158 -1.84 11.99 19.25
C VAL A 158 -1.01 13.07 18.55
N SER A 159 -0.58 12.81 17.32
CA SER A 159 0.16 13.84 16.60
C SER A 159 -0.60 15.17 16.53
N LEU A 160 -1.91 15.18 16.78
CA LEU A 160 -2.68 16.42 16.75
C LEU A 160 -2.27 17.35 17.90
N GLY A 161 -2.22 16.84 19.12
CA GLY A 161 -2.01 17.68 20.28
C GLY A 161 -0.59 17.71 20.78
N VAL A 162 0.23 16.75 20.35
CA VAL A 162 1.63 16.69 20.73
C VAL A 162 2.45 16.73 19.45
N GLY A 163 3.20 17.82 19.28
CA GLY A 163 3.95 17.98 18.05
C GLY A 163 3.02 18.22 16.87
N GLU A 164 3.32 17.57 15.76
CA GLU A 164 2.55 17.74 14.53
C GLU A 164 2.75 16.50 13.66
N PHE A 165 1.89 16.36 12.67
CA PHE A 165 2.01 15.27 11.71
C PHE A 165 2.89 15.70 10.54
N ALA A 166 3.27 14.72 9.73
CA ALA A 166 4.14 14.98 8.59
C ALA A 166 3.50 15.96 7.62
N GLN A 167 4.34 16.73 6.95
CA GLN A 167 3.91 17.70 5.95
C GLN A 167 4.54 17.39 4.61
N THR A 168 4.46 16.12 4.19
CA THR A 168 5.23 15.63 3.06
C THR A 168 4.36 15.00 1.98
N GLY A 169 3.05 14.93 2.15
CA GLY A 169 2.23 14.04 1.38
C GLY A 169 2.14 12.67 2.04
N TRP A 170 1.11 11.93 1.66
CA TRP A 170 0.76 10.74 2.43
C TRP A 170 1.75 9.60 2.25
N LEU A 171 2.67 9.67 1.28
CA LEU A 171 3.69 8.65 1.12
C LEU A 171 5.08 9.13 1.50
N ALA A 172 5.24 10.39 1.89
CA ALA A 172 6.48 10.90 2.49
C ALA A 172 7.69 10.68 1.56
N TYR A 173 7.64 11.31 0.40
CA TYR A 173 8.77 11.24 -0.53
C TYR A 173 10.00 11.89 0.09
N PRO A 174 11.15 11.22 0.11
CA PRO A 174 12.40 11.91 0.41
C PRO A 174 12.92 12.63 -0.83
N PRO A 175 13.85 13.58 -0.67
CA PRO A 175 14.45 13.99 0.60
C PRO A 175 13.59 14.97 1.39
N LEU A 176 12.41 15.31 0.87
CA LEU A 176 11.53 16.21 1.61
C LEU A 176 11.18 15.61 2.98
N SER A 177 10.96 14.30 3.03
CA SER A 177 10.66 13.61 4.28
C SER A 177 11.90 13.23 5.07
N GLY A 178 13.10 13.48 4.54
CA GLY A 178 14.32 13.17 5.25
C GLY A 178 14.58 14.13 6.39
N ILE A 179 15.57 13.77 7.22
CA ILE A 179 15.83 14.53 8.43
C ILE A 179 16.24 15.95 8.11
N GLU A 180 16.94 16.17 6.99
CA GLU A 180 17.45 17.49 6.68
C GLU A 180 16.30 18.47 6.42
N TYR A 181 15.35 18.09 5.57
CA TYR A 181 14.27 18.99 5.18
C TYR A 181 13.00 18.78 5.99
N SER A 182 12.92 17.71 6.79
CA SER A 182 11.81 17.49 7.72
C SER A 182 12.39 17.15 9.09
N PRO A 183 12.98 18.13 9.76
CA PRO A 183 13.61 17.85 11.06
C PRO A 183 12.62 17.62 12.19
N GLY A 184 11.37 17.99 12.03
CA GLY A 184 10.39 17.85 13.10
C GLY A 184 9.96 16.41 13.31
N VAL A 185 9.01 16.24 14.23
CA VAL A 185 8.53 14.91 14.59
C VAL A 185 7.49 14.34 13.64
N GLY A 186 6.98 15.14 12.70
CA GLY A 186 5.84 14.69 11.91
C GLY A 186 6.12 13.43 11.14
N VAL A 187 7.25 13.38 10.45
CA VAL A 187 7.59 12.19 9.67
C VAL A 187 7.74 10.99 10.59
N ASP A 188 8.17 11.21 11.84
CA ASP A 188 8.31 10.09 12.76
C ASP A 188 6.94 9.56 13.20
N TYR A 189 5.98 10.46 13.42
CA TYR A 189 4.60 10.02 13.64
C TYR A 189 4.12 9.18 12.47
N TRP A 190 4.32 9.67 11.25
CA TRP A 190 3.95 8.92 10.06
C TRP A 190 4.61 7.53 10.07
N ILE A 191 5.92 7.50 10.31
CA ILE A 191 6.68 6.26 10.25
C ILE A 191 6.11 5.25 11.23
N TRP A 192 5.97 5.64 12.50
CA TRP A 192 5.66 4.65 13.50
C TRP A 192 4.21 4.23 13.46
N SER A 193 3.29 5.16 13.17
CA SER A 193 1.92 4.74 12.95
C SER A 193 1.85 3.70 11.85
N LEU A 194 2.46 3.98 10.69
CA LEU A 194 2.38 3.04 9.58
C LEU A 194 3.04 1.72 9.92
N GLN A 195 4.21 1.74 10.56
CA GLN A 195 4.91 0.49 10.84
C GLN A 195 4.11 -0.39 11.79
N LEU A 196 3.64 0.20 12.88
CA LEU A 196 2.92 -0.59 13.88
C LEU A 196 1.61 -1.11 13.31
N SER A 197 0.91 -0.31 12.49
N SER A 197 0.90 -0.30 12.51
CA SER A 197 -0.31 -0.81 11.89
CA SER A 197 -0.31 -0.79 11.86
C SER A 197 -0.01 -1.87 10.82
C SER A 197 0.01 -1.88 10.85
N GLY A 198 1.11 -1.72 10.10
CA GLY A 198 1.45 -2.68 9.07
C GLY A 198 1.78 -4.04 9.62
N ILE A 199 2.36 -4.11 10.81
CA ILE A 199 2.54 -5.41 11.44
C ILE A 199 1.21 -6.14 11.55
N GLY A 200 0.20 -5.46 12.10
CA GLY A 200 -1.11 -6.08 12.22
C GLY A 200 -1.73 -6.41 10.89
N THR A 201 -1.53 -5.54 9.90
CA THR A 201 -2.08 -5.79 8.57
C THR A 201 -1.47 -7.06 7.96
N THR A 202 -0.16 -7.22 8.09
CA THR A 202 0.50 -8.42 7.58
C THR A 202 -0.03 -9.66 8.29
N LEU A 203 -0.19 -9.59 9.61
CA LEU A 203 -0.71 -10.73 10.34
C LEU A 203 -2.13 -11.05 9.91
N THR A 204 -2.95 -10.02 9.65
CA THR A 204 -4.29 -10.24 9.17
C THR A 204 -4.28 -10.94 7.82
N GLY A 205 -3.39 -10.51 6.92
CA GLY A 205 -3.30 -11.18 5.63
C GLY A 205 -3.00 -12.65 5.78
N ILE A 206 -2.00 -12.98 6.61
CA ILE A 206 -1.67 -14.38 6.84
C ILE A 206 -2.86 -15.12 7.42
N ASN A 207 -3.51 -14.52 8.42
CA ASN A 207 -4.62 -15.16 9.11
C ASN A 207 -5.74 -15.50 8.14
N PHE A 208 -6.18 -14.53 7.36
CA PHE A 208 -7.29 -14.75 6.45
C PHE A 208 -6.92 -15.73 5.34
N PHE A 209 -5.70 -15.64 4.83
CA PHE A 209 -5.25 -16.58 3.80
C PHE A 209 -5.32 -18.00 4.31
N VAL A 210 -4.73 -18.27 5.48
CA VAL A 210 -4.76 -19.62 6.03
C VAL A 210 -6.20 -20.03 6.34
N THR A 211 -7.00 -19.10 6.85
CA THR A 211 -8.39 -19.41 7.19
C THR A 211 -9.15 -19.91 5.96
N ILE A 212 -9.04 -19.18 4.85
CA ILE A 212 -9.76 -19.57 3.65
C ILE A 212 -9.21 -20.87 3.10
N LEU A 213 -7.89 -21.06 3.14
CA LEU A 213 -7.31 -22.28 2.57
C LEU A 213 -7.70 -23.53 3.36
N LYS A 214 -7.77 -23.41 4.70
CA LYS A 214 -7.74 -24.59 5.56
C LYS A 214 -9.01 -24.85 6.35
N MET A 215 -9.85 -23.84 6.58
CA MET A 215 -10.96 -23.96 7.52
C MET A 215 -12.31 -24.01 6.82
N ARG A 216 -12.35 -24.36 5.54
CA ARG A 216 -13.61 -24.43 4.82
C ARG A 216 -14.37 -25.69 5.20
N ALA A 217 -15.70 -25.59 5.14
CA ALA A 217 -16.55 -26.72 5.52
C ALA A 217 -16.41 -27.86 4.52
N PRO A 218 -16.66 -29.09 4.95
CA PRO A 218 -16.51 -30.23 4.02
C PRO A 218 -17.38 -30.08 2.79
N GLY A 219 -16.81 -30.42 1.64
CA GLY A 219 -17.51 -30.36 0.39
C GLY A 219 -17.38 -29.03 -0.34
N MET A 220 -16.94 -27.98 0.33
CA MET A 220 -16.77 -26.68 -0.31
C MET A 220 -15.38 -26.66 -0.93
N THR A 221 -15.31 -27.03 -2.20
CA THR A 221 -14.07 -26.91 -2.95
C THR A 221 -13.82 -25.44 -3.28
N MET A 222 -12.62 -25.16 -3.80
CA MET A 222 -12.25 -23.79 -4.07
C MET A 222 -13.26 -23.11 -4.97
N PHE A 223 -13.72 -23.80 -6.02
CA PHE A 223 -14.64 -23.22 -6.98
C PHE A 223 -16.10 -23.43 -6.58
N LYS A 224 -16.35 -23.68 -5.29
CA LYS A 224 -17.69 -23.56 -4.72
C LYS A 224 -17.76 -22.48 -3.66
N MET A 225 -16.64 -21.83 -3.34
CA MET A 225 -16.66 -20.75 -2.36
C MET A 225 -17.45 -19.57 -2.90
N PRO A 226 -18.09 -18.79 -2.03
CA PRO A 226 -18.71 -17.54 -2.48
C PRO A 226 -17.66 -16.60 -3.06
N VAL A 227 -18.10 -15.75 -3.98
CA VAL A 227 -17.17 -14.85 -4.66
C VAL A 227 -16.50 -13.92 -3.66
N PHE A 228 -17.22 -13.47 -2.65
CA PHE A 228 -16.60 -12.59 -1.66
C PHE A 228 -15.42 -13.28 -0.99
N THR A 229 -15.53 -14.59 -0.76
CA THR A 229 -14.40 -15.32 -0.20
C THR A 229 -13.22 -15.36 -1.17
N TRP A 230 -13.49 -15.53 -2.46
CA TRP A 230 -12.42 -15.46 -3.45
C TRP A 230 -11.73 -14.11 -3.42
N ALA A 231 -12.53 -13.04 -3.38
CA ALA A 231 -11.96 -11.69 -3.35
C ALA A 231 -11.13 -11.47 -2.11
N SER A 232 -11.63 -11.94 -0.96
CA SER A 232 -10.87 -11.82 0.29
C SER A 232 -9.57 -12.61 0.21
N LEU A 233 -9.60 -13.80 -0.38
CA LEU A 233 -8.39 -14.60 -0.51
C LEU A 233 -7.35 -13.86 -1.35
N CYS A 234 -7.78 -13.30 -2.47
CA CYS A 234 -6.85 -12.57 -3.33
C CYS A 234 -6.31 -11.33 -2.63
N ALA A 235 -7.17 -10.60 -1.93
CA ALA A 235 -6.72 -9.42 -1.20
C ALA A 235 -5.70 -9.78 -0.14
N ASN A 236 -5.90 -10.91 0.54
CA ASN A 236 -4.95 -11.31 1.57
C ASN A 236 -3.65 -11.81 0.97
N VAL A 237 -3.70 -12.44 -0.20
CA VAL A 237 -2.47 -12.75 -0.92
C VAL A 237 -1.70 -11.47 -1.19
N LEU A 238 -2.39 -10.43 -1.67
CA LEU A 238 -1.71 -9.17 -1.94
C LEU A 238 -1.16 -8.55 -0.67
N ILE A 239 -1.89 -8.64 0.44
CA ILE A 239 -1.38 -8.12 1.70
C ILE A 239 -0.08 -8.83 2.07
N ILE A 240 -0.10 -10.15 2.06
CA ILE A 240 1.07 -10.93 2.46
C ILE A 240 2.26 -10.58 1.57
N ALA A 241 2.02 -10.42 0.26
CA ALA A 241 3.11 -10.21 -0.67
C ALA A 241 3.61 -8.77 -0.71
N SER A 242 2.80 -7.80 -0.30
CA SER A 242 3.13 -6.40 -0.49
C SER A 242 3.45 -5.65 0.78
N PHE A 243 2.80 -5.94 1.91
CA PHE A 243 3.04 -5.14 3.10
C PHE A 243 4.46 -5.31 3.66
N PRO A 244 5.14 -6.44 3.45
CA PRO A 244 6.57 -6.45 3.77
C PRO A 244 7.36 -5.39 3.01
N ILE A 245 6.95 -5.06 1.78
CA ILE A 245 7.59 -3.97 1.05
C ILE A 245 7.48 -2.67 1.83
N LEU A 246 6.27 -2.37 2.32
CA LEU A 246 6.09 -1.16 3.11
C LEU A 246 6.91 -1.22 4.39
N THR A 247 6.93 -2.38 5.06
CA THR A 247 7.72 -2.51 6.28
C THR A 247 9.17 -2.13 6.01
N VAL A 248 9.76 -2.72 4.97
CA VAL A 248 11.16 -2.46 4.68
C VAL A 248 11.39 -1.01 4.28
N THR A 249 10.53 -0.47 3.41
CA THR A 249 10.75 0.89 2.92
C THR A 249 10.67 1.89 4.05
N VAL A 250 9.67 1.75 4.92
CA VAL A 250 9.55 2.66 6.06
C VAL A 250 10.71 2.44 7.03
N ALA A 251 11.19 1.20 7.17
CA ALA A 251 12.32 0.96 8.06
C ALA A 251 13.58 1.63 7.52
N LEU A 252 13.79 1.59 6.21
CA LEU A 252 14.94 2.26 5.62
C LEU A 252 14.83 3.77 5.79
N LEU A 253 13.64 4.32 5.60
CA LEU A 253 13.45 5.75 5.89
C LEU A 253 13.75 6.05 7.36
N THR A 254 13.35 5.14 8.26
CA THR A 254 13.62 5.32 9.68
C THR A 254 15.11 5.32 9.96
N LEU A 255 15.86 4.42 9.32
CA LEU A 255 17.30 4.41 9.48
C LEU A 255 17.91 5.70 8.95
N ASP A 256 17.39 6.19 7.83
CA ASP A 256 17.88 7.46 7.30
C ASP A 256 17.65 8.60 8.28
N ARG A 257 16.48 8.63 8.93
CA ARG A 257 16.16 9.75 9.80
C ARG A 257 16.85 9.66 11.16
N TYR A 258 16.96 8.46 11.73
CA TYR A 258 17.47 8.28 13.08
C TYR A 258 19.00 8.10 13.11
N LEU A 259 19.53 7.23 12.26
CA LEU A 259 20.95 6.90 12.27
C LEU A 259 21.75 7.65 11.21
N GLY A 260 21.15 8.56 10.47
CA GLY A 260 21.88 9.32 9.47
C GLY A 260 22.44 8.47 8.36
N THR A 261 21.71 7.43 7.95
CA THR A 261 22.13 6.59 6.85
C THR A 261 21.81 7.27 5.51
N HIS A 262 22.27 6.67 4.42
CA HIS A 262 22.23 7.29 3.11
C HIS A 262 21.52 6.40 2.10
N PHE A 263 20.35 5.89 2.47
CA PHE A 263 19.53 5.17 1.51
C PHE A 263 18.92 6.11 0.49
N PHE A 264 18.34 7.22 0.95
CA PHE A 264 17.52 8.07 0.10
C PHE A 264 17.95 9.53 0.12
N THR A 265 19.13 9.84 0.64
CA THR A 265 19.59 11.22 0.71
C THR A 265 20.11 11.68 -0.65
N ASN A 266 20.23 13.00 -0.79
CA ASN A 266 20.70 13.58 -2.04
C ASN A 266 22.15 13.20 -2.33
N ASP A 267 22.97 13.04 -1.30
CA ASP A 267 24.41 12.85 -1.47
C ASP A 267 24.86 11.56 -0.78
N MET A 268 26.16 11.28 -0.91
CA MET A 268 26.82 10.14 -0.27
C MET A 268 26.31 8.80 -0.79
N GLY A 269 25.91 8.75 -2.06
CA GLY A 269 25.49 7.50 -2.66
C GLY A 269 24.04 7.13 -2.44
N GLY A 270 23.26 7.96 -1.74
CA GLY A 270 21.85 7.72 -1.62
C GLY A 270 21.12 7.92 -2.94
N ASN A 271 19.89 7.43 -2.99
CA ASN A 271 19.09 7.51 -4.21
C ASN A 271 17.61 7.50 -3.81
N MET A 272 16.99 8.68 -3.80
CA MET A 272 15.59 8.78 -3.40
C MET A 272 14.64 8.15 -4.43
N MET A 273 15.07 8.08 -5.68
CA MET A 273 14.29 7.37 -6.69
C MET A 273 14.02 5.94 -6.27
N MET A 274 14.96 5.32 -5.54
CA MET A 274 14.71 3.98 -5.01
C MET A 274 13.56 4.00 -4.02
N TYR A 275 13.48 5.02 -3.16
CA TYR A 275 12.34 5.10 -2.25
C TYR A 275 11.04 5.21 -3.02
N ILE A 276 11.00 6.06 -4.05
CA ILE A 276 9.77 6.19 -4.83
C ILE A 276 9.39 4.85 -5.45
N ASN A 277 10.37 4.17 -6.04
CA ASN A 277 10.13 2.86 -6.63
C ASN A 277 9.55 1.89 -5.61
N LEU A 278 10.18 1.78 -4.44
CA LEU A 278 9.73 0.82 -3.44
C LEU A 278 8.35 1.17 -2.90
N ILE A 279 8.15 2.45 -2.55
CA ILE A 279 6.89 2.84 -1.94
C ILE A 279 5.75 2.57 -2.90
N TRP A 280 5.96 2.78 -4.20
CA TRP A 280 4.85 2.51 -5.12
C TRP A 280 4.72 1.04 -5.46
N ALA A 281 5.82 0.28 -5.40
CA ALA A 281 5.71 -1.17 -5.52
C ALA A 281 4.83 -1.73 -4.42
N TRP A 282 4.86 -1.12 -3.23
CA TRP A 282 3.83 -1.45 -2.24
C TRP A 282 2.50 -0.79 -2.60
N GLY A 283 2.55 0.46 -3.06
CA GLY A 283 1.36 1.29 -3.09
C GLY A 283 0.28 0.81 -4.03
N HIS A 284 0.65 0.38 -5.23
CA HIS A 284 -0.42 -0.08 -6.11
C HIS A 284 -1.09 -1.35 -5.59
N PRO A 285 -0.37 -2.39 -5.18
CA PRO A 285 -1.03 -3.51 -4.53
C PRO A 285 -1.96 -3.08 -3.41
N GLU A 286 -1.67 -1.96 -2.74
CA GLU A 286 -2.56 -1.49 -1.68
C GLU A 286 -3.92 -1.11 -2.24
N VAL A 287 -3.96 -0.39 -3.37
CA VAL A 287 -5.26 0.00 -3.92
C VAL A 287 -6.01 -1.24 -4.38
N TYR A 288 -5.30 -2.23 -4.91
CA TYR A 288 -6.00 -3.45 -5.31
C TYR A 288 -6.47 -4.26 -4.09
N ILE A 289 -5.71 -4.23 -2.99
CA ILE A 289 -6.16 -4.81 -1.74
C ILE A 289 -7.47 -4.16 -1.30
N LEU A 290 -7.56 -2.84 -1.44
CA LEU A 290 -8.78 -2.14 -1.05
C LEU A 290 -9.95 -2.51 -1.97
N ILE A 291 -9.70 -2.62 -3.28
CA ILE A 291 -10.83 -2.74 -4.20
C ILE A 291 -11.35 -4.18 -4.31
N LEU A 292 -10.49 -5.19 -4.19
CA LEU A 292 -10.95 -6.56 -4.41
C LEU A 292 -12.06 -6.98 -3.45
N PRO A 293 -11.94 -6.76 -2.14
CA PRO A 293 -13.03 -7.18 -1.24
C PRO A 293 -14.37 -6.54 -1.58
N VAL A 294 -14.37 -5.27 -2.00
CA VAL A 294 -15.65 -4.66 -2.33
C VAL A 294 -16.18 -5.20 -3.64
N PHE A 295 -15.30 -5.64 -4.56
CA PHE A 295 -15.79 -6.37 -5.71
C PHE A 295 -16.54 -7.62 -5.27
N GLY A 296 -15.99 -8.33 -4.28
CA GLY A 296 -16.71 -9.48 -3.73
C GLY A 296 -18.04 -9.09 -3.12
N VAL A 297 -18.05 -7.99 -2.37
CA VAL A 297 -19.28 -7.52 -1.74
C VAL A 297 -20.34 -7.25 -2.81
N PHE A 298 -19.95 -6.57 -3.88
CA PHE A 298 -20.89 -6.23 -4.94
C PHE A 298 -21.38 -7.49 -5.64
N SER A 299 -20.50 -8.48 -5.86
CA SER A 299 -20.96 -9.75 -6.40
C SER A 299 -22.08 -10.33 -5.55
N GLU A 300 -21.84 -10.44 -4.24
CA GLU A 300 -22.84 -11.02 -3.34
C GLU A 300 -24.15 -10.25 -3.41
N ILE A 301 -24.06 -8.92 -3.29
CA ILE A 301 -25.27 -8.09 -3.20
C ILE A 301 -26.05 -8.14 -4.51
N ALA A 302 -25.35 -8.08 -5.65
CA ALA A 302 -26.04 -8.12 -6.93
C ALA A 302 -26.77 -9.43 -7.11
N ALA A 303 -26.11 -10.55 -6.79
CA ALA A 303 -26.80 -11.84 -6.91
C ALA A 303 -28.01 -11.88 -5.98
N THR A 304 -27.86 -11.42 -4.74
CA THR A 304 -28.94 -11.54 -3.78
C THR A 304 -30.16 -10.71 -4.17
N PHE A 305 -29.93 -9.46 -4.58
CA PHE A 305 -31.04 -8.55 -4.84
C PHE A 305 -31.47 -8.54 -6.30
N SER A 306 -30.82 -9.32 -7.16
CA SER A 306 -31.39 -9.66 -8.45
C SER A 306 -32.24 -10.91 -8.40
N ARG A 307 -32.23 -11.63 -7.28
CA ARG A 307 -32.92 -12.92 -7.16
C ARG A 307 -32.47 -13.87 -8.25
N LYS A 308 -31.17 -13.84 -8.55
CA LYS A 308 -30.64 -14.54 -9.70
C LYS A 308 -29.24 -15.00 -9.37
N ARG A 309 -28.83 -16.10 -9.99
CA ARG A 309 -27.46 -16.58 -9.85
C ARG A 309 -26.49 -15.50 -10.33
N LEU A 310 -25.36 -15.40 -9.65
CA LEU A 310 -24.27 -14.58 -10.18
C LEU A 310 -23.87 -15.11 -11.54
N PHE A 311 -23.74 -14.21 -12.51
CA PHE A 311 -23.39 -14.59 -13.86
C PHE A 311 -21.88 -14.76 -14.01
N GLY A 312 -21.47 -15.81 -14.71
CA GLY A 312 -20.07 -16.01 -15.03
C GLY A 312 -19.17 -16.19 -13.83
N TYR A 313 -19.55 -17.07 -12.92
CA TYR A 313 -18.78 -17.28 -11.70
C TYR A 313 -17.32 -17.60 -12.01
N THR A 314 -17.08 -18.58 -12.88
CA THR A 314 -15.70 -18.96 -13.18
C THR A 314 -14.93 -17.81 -13.79
N SER A 315 -15.56 -17.09 -14.72
CA SER A 315 -14.93 -15.91 -15.32
C SER A 315 -14.60 -14.87 -14.26
N LEU A 316 -15.53 -14.65 -13.32
CA LEU A 316 -15.29 -13.69 -12.24
C LEU A 316 -14.09 -14.11 -11.40
N VAL A 317 -14.04 -15.39 -11.02
CA VAL A 317 -12.96 -15.87 -10.16
C VAL A 317 -11.62 -15.72 -10.85
N TRP A 318 -11.55 -16.12 -12.12
CA TRP A 318 -10.27 -16.02 -12.82
C TRP A 318 -9.89 -14.58 -13.11
N ALA A 319 -10.86 -13.69 -13.30
CA ALA A 319 -10.55 -12.27 -13.41
C ALA A 319 -9.96 -11.75 -12.10
N THR A 320 -10.50 -12.19 -10.97
CA THR A 320 -9.93 -11.80 -9.68
C THR A 320 -8.49 -12.29 -9.54
N VAL A 321 -8.24 -13.54 -9.92
CA VAL A 321 -6.88 -14.08 -9.86
C VAL A 321 -5.94 -13.30 -10.78
N CYS A 322 -6.43 -12.97 -11.98
CA CYS A 322 -5.62 -12.22 -12.93
C CYS A 322 -5.27 -10.85 -12.39
N ILE A 323 -6.25 -10.13 -11.84
CA ILE A 323 -5.99 -8.83 -11.25
C ILE A 323 -4.96 -8.97 -10.13
N THR A 324 -5.11 -10.00 -9.31
CA THR A 324 -4.17 -10.23 -8.23
C THR A 324 -2.74 -10.32 -8.76
N VAL A 325 -2.53 -11.19 -9.76
CA VAL A 325 -1.17 -11.39 -10.26
C VAL A 325 -0.66 -10.11 -10.90
N LEU A 326 -1.49 -9.45 -11.71
CA LEU A 326 -1.04 -8.29 -12.48
C LEU A 326 -0.83 -7.06 -11.61
N SER A 327 -1.38 -7.03 -10.39
CA SER A 327 -1.22 -5.86 -9.55
C SER A 327 0.22 -5.61 -9.14
N PHE A 328 1.11 -6.58 -9.35
CA PHE A 328 2.50 -6.45 -8.95
C PHE A 328 3.43 -6.01 -10.08
N ILE A 329 2.89 -5.74 -11.28
CA ILE A 329 3.75 -5.47 -12.43
C ILE A 329 3.38 -4.15 -13.11
N VAL A 330 2.83 -3.20 -12.35
CA VAL A 330 2.32 -1.97 -12.91
C VAL A 330 2.78 -0.72 -12.16
N TRP A 331 3.55 -0.86 -11.09
CA TRP A 331 3.67 0.23 -10.12
C TRP A 331 4.39 1.46 -10.68
N LEU A 332 5.11 1.35 -11.80
CA LEU A 332 5.84 2.50 -12.33
C LEU A 332 4.95 3.56 -12.96
N HIS A 333 3.67 3.27 -13.19
CA HIS A 333 2.78 4.29 -13.71
C HIS A 333 2.56 5.43 -12.71
N HIS A 334 2.97 5.25 -11.46
CA HIS A 334 2.92 6.32 -10.47
C HIS A 334 4.09 7.30 -10.59
N PHE A 335 5.15 6.97 -11.32
CA PHE A 335 6.23 7.92 -11.54
C PHE A 335 6.71 7.90 -12.98
N PHE A 336 5.80 7.64 -13.92
CA PHE A 336 6.07 7.88 -15.34
C PHE A 336 6.91 9.13 -15.61
N THR A 337 6.67 10.22 -14.90
CA THR A 337 7.34 11.48 -15.19
C THR A 337 8.70 11.61 -14.53
N MET A 338 9.19 10.59 -13.82
CA MET A 338 10.51 10.69 -13.22
C MET A 338 11.63 10.55 -14.24
N GLY A 339 11.33 10.04 -15.44
CA GLY A 339 12.32 10.02 -16.51
C GLY A 339 12.99 8.67 -16.71
N ALA A 340 12.22 7.59 -16.70
CA ALA A 340 12.77 6.25 -16.89
C ALA A 340 13.03 5.90 -18.35
N GLY A 341 12.58 6.73 -19.29
CA GLY A 341 12.76 6.45 -20.69
C GLY A 341 11.56 5.74 -21.30
N ALA A 342 11.52 5.75 -22.64
CA ALA A 342 10.33 5.31 -23.35
C ALA A 342 10.07 3.82 -23.17
N ASN A 343 11.11 2.98 -23.16
CA ASN A 343 10.87 1.55 -23.08
C ASN A 343 10.19 1.18 -21.76
N VAL A 344 10.76 1.61 -20.64
CA VAL A 344 10.21 1.26 -19.34
C VAL A 344 8.80 1.82 -19.19
N ASN A 345 8.62 3.10 -19.54
CA ASN A 345 7.32 3.74 -19.41
C ASN A 345 6.28 3.02 -20.26
N ALA A 346 6.63 2.71 -21.51
CA ALA A 346 5.68 2.03 -22.39
C ALA A 346 5.31 0.66 -21.85
N PHE A 347 6.30 -0.10 -21.38
CA PHE A 347 6.02 -1.42 -20.83
C PHE A 347 5.05 -1.32 -19.67
N PHE A 348 5.31 -0.40 -18.74
CA PHE A 348 4.45 -0.33 -17.55
C PHE A 348 3.08 0.25 -17.87
N GLY A 349 2.99 1.19 -18.80
CA GLY A 349 1.67 1.63 -19.24
C GLY A 349 0.87 0.51 -19.86
N ILE A 350 1.53 -0.33 -20.66
CA ILE A 350 0.83 -1.44 -21.29
C ILE A 350 0.35 -2.44 -20.25
N THR A 351 1.19 -2.76 -19.26
CA THR A 351 0.74 -3.66 -18.20
C THR A 351 -0.42 -3.05 -17.43
N THR A 352 -0.35 -1.74 -17.18
CA THR A 352 -1.41 -1.06 -16.44
C THR A 352 -2.74 -1.15 -17.18
N MET A 353 -2.74 -0.91 -18.48
CA MET A 353 -3.99 -0.98 -19.21
C MET A 353 -4.42 -2.41 -19.50
N ILE A 354 -3.48 -3.36 -19.43
CA ILE A 354 -3.86 -4.77 -19.51
C ILE A 354 -4.68 -5.17 -18.29
N ILE A 355 -4.20 -4.82 -17.10
CA ILE A 355 -4.91 -5.23 -15.89
C ILE A 355 -6.30 -4.62 -15.80
N ALA A 356 -6.66 -3.71 -16.72
CA ALA A 356 -8.02 -3.18 -16.78
C ALA A 356 -9.02 -4.14 -17.39
N ILE A 357 -8.57 -5.12 -18.19
CA ILE A 357 -9.51 -6.03 -18.84
C ILE A 357 -10.31 -6.86 -17.84
N PRO A 358 -9.69 -7.55 -16.87
CA PRO A 358 -10.49 -8.33 -15.91
C PRO A 358 -11.49 -7.49 -15.14
N THR A 359 -11.17 -6.22 -14.86
CA THR A 359 -12.14 -5.36 -14.18
C THR A 359 -13.38 -5.14 -15.03
N GLY A 360 -13.19 -4.92 -16.33
CA GLY A 360 -14.34 -4.83 -17.22
C GLY A 360 -15.12 -6.13 -17.29
N VAL A 361 -14.41 -7.25 -17.29
CA VAL A 361 -15.09 -8.54 -17.24
C VAL A 361 -15.98 -8.63 -16.01
N LYS A 362 -15.46 -8.17 -14.86
CA LYS A 362 -16.25 -8.19 -13.63
C LYS A 362 -17.47 -7.30 -13.75
N ILE A 363 -17.29 -6.09 -14.29
CA ILE A 363 -18.40 -5.16 -14.41
C ILE A 363 -19.52 -5.76 -15.26
N PHE A 364 -19.14 -6.37 -16.38
CA PHE A 364 -20.15 -6.92 -17.27
C PHE A 364 -20.78 -8.18 -16.70
N ASN A 365 -20.03 -8.96 -15.92
CA ASN A 365 -20.63 -10.10 -15.24
C ASN A 365 -21.69 -9.64 -14.25
N TRP A 366 -21.43 -8.55 -13.53
CA TRP A 366 -22.47 -8.01 -12.64
C TRP A 366 -23.67 -7.52 -13.45
N LEU A 367 -23.41 -6.82 -14.56
CA LEU A 367 -24.51 -6.33 -15.38
C LEU A 367 -25.40 -7.48 -15.85
N PHE A 368 -24.80 -8.59 -16.27
CA PHE A 368 -25.58 -9.72 -16.74
C PHE A 368 -26.17 -10.54 -15.59
N THR A 369 -25.64 -10.39 -14.39
CA THR A 369 -26.37 -10.87 -13.22
C THR A 369 -27.67 -10.12 -13.05
N MET A 370 -27.63 -8.80 -13.26
CA MET A 370 -28.87 -8.01 -13.22
C MET A 370 -29.76 -8.29 -14.43
N TYR A 371 -29.20 -8.79 -15.52
CA TYR A 371 -29.98 -9.02 -16.73
C TYR A 371 -31.00 -10.13 -16.52
N GLN A 372 -32.26 -9.83 -16.84
CA GLN A 372 -33.36 -10.80 -16.72
C GLN A 372 -33.49 -11.32 -15.29
N GLY A 373 -33.26 -10.45 -14.31
CA GLY A 373 -33.54 -10.75 -12.93
C GLY A 373 -34.81 -10.06 -12.44
N ARG A 374 -34.99 -10.09 -11.12
CA ARG A 374 -36.04 -9.35 -10.44
C ARG A 374 -35.33 -8.46 -9.42
N ILE A 375 -35.08 -7.22 -9.80
CA ILE A 375 -34.17 -6.35 -9.05
C ILE A 375 -34.97 -5.64 -7.95
N VAL A 376 -34.61 -5.92 -6.70
CA VAL A 376 -35.17 -5.22 -5.56
C VAL A 376 -34.25 -4.04 -5.23
N PHE A 377 -34.82 -2.85 -5.15
CA PHE A 377 -34.02 -1.64 -4.99
C PHE A 377 -33.82 -1.30 -3.51
N HIS A 378 -33.31 -2.30 -2.79
CA HIS A 378 -32.76 -2.07 -1.47
C HIS A 378 -31.57 -1.11 -1.57
N SER A 379 -31.33 -0.37 -0.48
CA SER A 379 -30.24 0.60 -0.49
C SER A 379 -28.91 -0.04 -0.87
N ALA A 380 -28.70 -1.30 -0.47
CA ALA A 380 -27.48 -2.00 -0.88
C ALA A 380 -27.37 -2.12 -2.39
N MET A 381 -28.49 -2.45 -3.05
CA MET A 381 -28.50 -2.53 -4.50
C MET A 381 -28.29 -1.16 -5.13
N LEU A 382 -28.82 -0.10 -4.51
CA LEU A 382 -28.54 1.24 -5.00
C LEU A 382 -27.05 1.54 -4.95
N TRP A 383 -26.42 1.20 -3.84
CA TRP A 383 -24.97 1.36 -3.75
C TRP A 383 -24.29 0.57 -4.87
N THR A 384 -24.77 -0.64 -5.16
CA THR A 384 -24.13 -1.46 -6.20
C THR A 384 -24.24 -0.81 -7.58
N ILE A 385 -25.43 -0.34 -7.94
CA ILE A 385 -25.61 0.28 -9.25
C ILE A 385 -24.79 1.56 -9.35
N GLY A 386 -24.86 2.40 -8.30
CA GLY A 386 -24.06 3.60 -8.29
C GLY A 386 -22.58 3.30 -8.41
N PHE A 387 -22.13 2.22 -7.78
CA PHE A 387 -20.75 1.81 -7.92
C PHE A 387 -20.43 1.46 -9.37
N ILE A 388 -21.31 0.71 -10.02
CA ILE A 388 -21.04 0.35 -11.42
C ILE A 388 -20.80 1.62 -12.23
N VAL A 389 -21.72 2.58 -12.12
CA VAL A 389 -21.59 3.82 -12.90
C VAL A 389 -20.31 4.57 -12.54
N THR A 390 -20.17 4.90 -11.25
CA THR A 390 -19.09 5.78 -10.79
C THR A 390 -17.74 5.13 -11.02
N PHE A 391 -17.60 3.85 -10.69
CA PHE A 391 -16.33 3.17 -10.85
C PHE A 391 -16.00 2.98 -12.32
N SER A 392 -16.98 2.79 -13.19
CA SER A 392 -16.68 2.78 -14.62
C SER A 392 -16.00 4.08 -15.02
N VAL A 393 -16.57 5.22 -14.61
CA VAL A 393 -15.96 6.50 -14.97
C VAL A 393 -14.56 6.61 -14.39
N GLY A 394 -14.41 6.27 -13.11
CA GLY A 394 -13.12 6.41 -12.47
C GLY A 394 -12.05 5.54 -13.11
N GLY A 395 -12.39 4.27 -13.38
CA GLY A 395 -11.45 3.38 -14.04
C GLY A 395 -11.10 3.84 -15.44
N MET A 396 -12.06 4.45 -16.14
CA MET A 396 -11.76 5.03 -17.44
C MET A 396 -10.69 6.11 -17.32
N THR A 397 -10.85 7.02 -16.36
CA THR A 397 -9.84 8.06 -16.19
C THR A 397 -8.50 7.46 -15.77
N GLY A 398 -8.53 6.40 -14.96
CA GLY A 398 -7.31 5.71 -14.61
C GLY A 398 -6.59 5.12 -15.81
N VAL A 399 -7.34 4.47 -16.70
CA VAL A 399 -6.76 3.92 -17.91
C VAL A 399 -6.17 5.05 -18.76
N LEU A 400 -6.85 6.19 -18.81
CA LEU A 400 -6.28 7.34 -19.50
C LEU A 400 -4.94 7.73 -18.90
N LEU A 401 -4.86 7.78 -17.57
CA LEU A 401 -3.60 8.10 -16.91
C LEU A 401 -2.54 7.03 -17.17
N ALA A 402 -2.96 5.80 -17.51
CA ALA A 402 -2.00 4.75 -17.81
C ALA A 402 -1.18 5.04 -19.06
N VAL A 403 -1.68 5.88 -19.96
CA VAL A 403 -0.95 6.24 -21.17
C VAL A 403 0.12 7.26 -20.78
N PRO A 404 1.41 6.94 -20.89
CA PRO A 404 2.42 7.88 -20.38
C PRO A 404 2.38 9.25 -21.02
N GLY A 405 2.06 9.33 -22.31
CA GLY A 405 1.97 10.63 -22.95
C GLY A 405 0.95 11.54 -22.30
N ALA A 406 -0.22 10.99 -21.94
CA ALA A 406 -1.22 11.79 -21.25
C ALA A 406 -0.81 12.04 -19.80
N ASP A 407 -0.19 11.05 -19.15
CA ASP A 407 0.24 11.24 -17.77
C ASP A 407 1.27 12.35 -17.67
N PHE A 408 2.06 12.58 -18.73
CA PHE A 408 3.06 13.63 -18.69
C PHE A 408 2.43 14.99 -18.39
N VAL A 409 1.17 15.20 -18.78
CA VAL A 409 0.49 16.46 -18.54
C VAL A 409 -0.60 16.33 -17.48
N LEU A 410 -0.96 15.13 -17.06
CA LEU A 410 -1.95 14.97 -16.01
C LEU A 410 -1.37 14.52 -14.67
N HIS A 411 -0.08 14.17 -14.62
CA HIS A 411 0.48 13.67 -13.38
C HIS A 411 0.42 14.72 -12.27
N ASN A 412 -0.03 14.30 -11.09
CA ASN A 412 -0.11 15.15 -9.91
C ASN A 412 -1.10 16.31 -10.09
N SER A 413 -1.84 16.32 -11.19
CA SER A 413 -2.88 17.32 -11.38
C SER A 413 -4.14 16.92 -10.63
N LEU A 414 -5.08 17.85 -10.53
CA LEU A 414 -6.35 17.52 -9.90
C LEU A 414 -7.14 16.50 -10.72
N PHE A 415 -6.77 16.26 -11.98
CA PHE A 415 -7.32 15.13 -12.70
C PHE A 415 -6.96 13.81 -12.01
N LEU A 416 -5.71 13.69 -11.56
CA LEU A 416 -5.31 12.50 -10.81
C LEU A 416 -6.07 12.40 -9.49
N ILE A 417 -6.21 13.52 -8.79
CA ILE A 417 -6.98 13.53 -7.56
C ILE A 417 -8.39 13.04 -7.82
N ALA A 418 -9.01 13.57 -8.88
CA ALA A 418 -10.35 13.15 -9.25
C ALA A 418 -10.40 11.67 -9.59
N HIS A 419 -9.41 11.17 -10.32
CA HIS A 419 -9.43 9.75 -10.69
C HIS A 419 -9.41 8.87 -9.45
N PHE A 420 -8.45 9.11 -8.54
CA PHE A 420 -8.33 8.16 -7.45
C PHE A 420 -9.41 8.36 -6.41
N HIS A 421 -9.97 9.57 -6.28
CA HIS A 421 -11.16 9.71 -5.45
C HIS A 421 -12.37 9.07 -6.12
N ASN A 422 -12.44 9.12 -7.45
CA ASN A 422 -13.54 8.46 -8.15
C ASN A 422 -13.53 6.96 -7.89
N VAL A 423 -12.37 6.32 -8.09
CA VAL A 423 -12.31 4.89 -7.85
C VAL A 423 -12.48 4.57 -6.37
N ILE A 424 -11.81 5.32 -5.48
CA ILE A 424 -11.90 5.03 -4.06
C ILE A 424 -13.33 5.18 -3.56
N ILE A 425 -13.96 6.32 -3.81
CA ILE A 425 -15.30 6.53 -3.28
C ILE A 425 -16.31 5.64 -3.99
N GLY A 426 -16.25 5.58 -5.33
CA GLY A 426 -17.23 4.80 -6.07
C GLY A 426 -17.14 3.32 -5.79
N GLY A 427 -15.93 2.77 -5.69
CA GLY A 427 -15.78 1.37 -5.35
C GLY A 427 -15.69 1.07 -3.88
N VAL A 428 -14.65 1.56 -3.20
CA VAL A 428 -14.39 1.11 -1.84
C VAL A 428 -15.43 1.66 -0.88
N VAL A 429 -15.67 2.97 -0.90
CA VAL A 429 -16.62 3.57 0.05
C VAL A 429 -18.04 3.08 -0.24
N PHE A 430 -18.43 3.06 -1.51
CA PHE A 430 -19.76 2.57 -1.85
C PHE A 430 -19.91 1.11 -1.43
N GLY A 431 -18.93 0.28 -1.71
CA GLY A 431 -19.01 -1.12 -1.32
C GLY A 431 -19.00 -1.33 0.17
N CYS A 432 -18.25 -0.50 0.89
CA CYS A 432 -18.25 -0.59 2.35
C CYS A 432 -19.62 -0.26 2.91
N PHE A 433 -20.25 0.81 2.40
CA PHE A 433 -21.61 1.14 2.85
C PHE A 433 -22.59 0.06 2.43
N ALA A 434 -22.44 -0.48 1.22
CA ALA A 434 -23.32 -1.54 0.75
C ALA A 434 -23.19 -2.78 1.64
N GLY A 435 -21.96 -3.20 1.92
CA GLY A 435 -21.76 -4.36 2.76
C GLY A 435 -22.20 -4.13 4.19
N MET A 436 -21.99 -2.92 4.70
CA MET A 436 -22.47 -2.59 6.03
C MET A 436 -23.98 -2.72 6.10
N THR A 437 -24.70 -2.15 5.13
CA THR A 437 -26.15 -2.30 5.10
C THR A 437 -26.54 -3.76 4.93
N TYR A 438 -25.84 -4.49 4.06
CA TYR A 438 -26.19 -5.86 3.75
C TYR A 438 -26.04 -6.78 4.96
N TRP A 439 -24.97 -6.62 5.71
CA TRP A 439 -24.65 -7.53 6.80
C TRP A 439 -24.93 -6.95 8.19
N TRP A 440 -25.46 -5.73 8.28
CA TRP A 440 -25.87 -5.20 9.58
C TRP A 440 -26.85 -6.13 10.28
N PRO A 441 -27.90 -6.64 9.63
CA PRO A 441 -28.78 -7.58 10.34
C PRO A 441 -28.06 -8.82 10.82
N LYS A 442 -27.08 -9.31 10.05
CA LYS A 442 -26.31 -10.46 10.49
C LYS A 442 -25.45 -10.14 11.69
N ALA A 443 -24.85 -8.95 11.72
CA ALA A 443 -23.98 -8.57 12.82
C ALA A 443 -24.75 -8.28 14.10
N PHE A 444 -25.92 -7.63 13.98
CA PHE A 444 -26.62 -7.11 15.15
C PHE A 444 -28.00 -7.68 15.37
N GLY A 445 -28.64 -8.24 14.36
CA GLY A 445 -29.96 -8.84 14.53
C GLY A 445 -31.14 -7.96 14.19
N PHE A 446 -30.91 -6.78 13.62
CA PHE A 446 -32.00 -5.93 13.15
C PHE A 446 -31.52 -5.17 11.93
N LYS A 447 -32.47 -4.68 11.15
CA LYS A 447 -32.18 -4.01 9.89
C LYS A 447 -31.99 -2.52 10.08
N LEU A 448 -31.17 -1.93 9.21
CA LEU A 448 -31.02 -0.48 9.18
C LEU A 448 -32.27 0.17 8.56
N ASN A 449 -32.49 1.43 8.90
CA ASN A 449 -33.59 2.19 8.32
C ASN A 449 -33.32 2.45 6.84
N GLU A 450 -34.28 2.08 6.00
CA GLU A 450 -34.07 2.16 4.55
C GLU A 450 -34.19 3.58 4.03
N THR A 451 -35.08 4.41 4.60
CA THR A 451 -35.24 5.77 4.12
C THR A 451 -33.95 6.57 4.23
N TRP A 452 -33.37 6.58 5.43
CA TRP A 452 -32.13 7.34 5.62
C TRP A 452 -30.96 6.69 4.89
N GLY A 453 -30.99 5.38 4.69
CA GLY A 453 -29.96 4.75 3.88
C GLY A 453 -30.00 5.22 2.44
N LYS A 454 -31.19 5.29 1.86
CA LYS A 454 -31.33 5.77 0.49
C LYS A 454 -30.96 7.24 0.38
N ARG A 455 -31.36 8.05 1.37
CA ARG A 455 -30.96 9.45 1.36
C ARG A 455 -29.44 9.56 1.43
N ALA A 456 -28.80 8.76 2.28
CA ALA A 456 -27.35 8.76 2.36
C ALA A 456 -26.74 8.41 1.02
N PHE A 457 -27.29 7.40 0.33
CA PHE A 457 -26.74 7.02 -0.97
C PHE A 457 -26.85 8.17 -1.96
N TRP A 458 -28.02 8.81 -2.03
CA TRP A 458 -28.20 9.86 -3.03
C TRP A 458 -27.30 11.04 -2.74
N PHE A 459 -27.23 11.46 -1.48
CA PHE A 459 -26.29 12.51 -1.11
C PHE A 459 -24.87 12.12 -1.50
N TRP A 460 -24.47 10.89 -1.21
CA TRP A 460 -23.09 10.49 -1.46
C TRP A 460 -22.77 10.53 -2.95
N ILE A 461 -23.62 9.93 -3.78
CA ILE A 461 -23.28 9.83 -5.20
C ILE A 461 -23.33 11.22 -5.86
N ILE A 462 -24.41 11.97 -5.62
CA ILE A 462 -24.52 13.29 -6.24
C ILE A 462 -23.40 14.19 -5.74
N GLY A 463 -23.13 14.16 -4.43
CA GLY A 463 -22.07 14.98 -3.88
C GLY A 463 -20.71 14.59 -4.40
N PHE A 464 -20.48 13.29 -4.61
CA PHE A 464 -19.20 12.89 -5.19
C PHE A 464 -19.03 13.52 -6.56
N PHE A 465 -20.06 13.41 -7.40
CA PHE A 465 -19.93 13.95 -8.75
C PHE A 465 -19.73 15.46 -8.71
N VAL A 466 -20.51 16.16 -7.90
CA VAL A 466 -20.37 17.61 -7.80
C VAL A 466 -19.00 17.99 -7.23
N ALA A 467 -18.46 17.18 -6.32
CA ALA A 467 -17.21 17.51 -5.67
C ALA A 467 -16.00 17.23 -6.57
N PHE A 468 -16.07 16.22 -7.43
CA PHE A 468 -14.87 15.76 -8.12
C PHE A 468 -14.87 15.90 -9.64
N MET A 469 -16.02 16.02 -10.30
CA MET A 469 -15.99 16.37 -11.73
C MET A 469 -15.29 17.70 -11.97
N PRO A 470 -15.55 18.75 -11.18
CA PRO A 470 -14.77 19.98 -11.36
C PRO A 470 -13.29 19.75 -11.19
N LEU A 471 -12.87 18.71 -10.46
CA LEU A 471 -11.45 18.44 -10.33
C LEU A 471 -10.88 17.83 -11.61
N TYR A 472 -11.67 17.03 -12.32
CA TYR A 472 -11.25 16.61 -13.66
C TYR A 472 -11.05 17.82 -14.54
N ALA A 473 -12.02 18.75 -14.52
CA ALA A 473 -11.88 19.96 -15.32
C ALA A 473 -10.65 20.77 -14.90
N LEU A 474 -10.43 20.89 -13.59
CA LEU A 474 -9.30 21.67 -13.08
C LEU A 474 -7.98 21.04 -13.50
N GLY A 475 -7.90 19.70 -13.47
CA GLY A 475 -6.74 19.03 -14.00
C GLY A 475 -6.48 19.40 -15.45
N PHE A 476 -7.55 19.45 -16.26
CA PHE A 476 -7.34 19.88 -17.64
C PHE A 476 -6.95 21.35 -17.74
N MET A 477 -7.27 22.18 -16.75
CA MET A 477 -6.87 23.58 -16.77
C MET A 477 -5.52 23.82 -16.12
N GLY A 478 -4.81 22.77 -15.72
CA GLY A 478 -3.45 22.90 -15.25
C GLY A 478 -3.28 23.12 -13.76
N MET A 479 -4.30 22.85 -12.95
CA MET A 479 -4.17 23.01 -11.50
C MET A 479 -3.55 21.74 -10.90
N THR A 480 -2.49 21.92 -10.13
CA THR A 480 -1.78 20.80 -9.53
C THR A 480 -2.29 20.55 -8.11
N ARG A 481 -2.02 19.35 -7.61
CA ARG A 481 -2.44 18.96 -6.28
C ARG A 481 -1.64 19.71 -5.21
N ARG A 482 -2.19 19.71 -3.99
CA ARG A 482 -1.55 20.25 -2.80
C ARG A 482 -1.23 21.74 -2.92
N LEU A 483 -2.08 22.49 -3.62
CA LEU A 483 -2.02 23.95 -3.61
C LEU A 483 -2.92 24.46 -2.50
N SER A 484 -2.45 25.49 -1.79
CA SER A 484 -3.24 26.07 -0.69
C SER A 484 -3.24 27.58 -0.64
N GLN A 485 -2.27 28.27 -1.23
CA GLN A 485 -2.13 29.71 -1.08
C GLN A 485 -2.13 30.39 -2.44
N GLN A 486 -2.81 31.53 -2.51
CA GLN A 486 -2.79 32.37 -3.70
C GLN A 486 -3.11 31.55 -4.94
N ILE A 487 -4.14 30.73 -4.83
CA ILE A 487 -4.54 29.88 -5.95
C ILE A 487 -5.04 30.77 -7.08
N ASP A 488 -4.66 30.41 -8.29
CA ASP A 488 -4.92 31.26 -9.44
C ASP A 488 -6.42 31.46 -9.64
N PRO A 489 -6.90 32.69 -9.80
CA PRO A 489 -8.36 32.94 -9.75
C PRO A 489 -9.18 32.17 -10.77
N GLN A 490 -8.62 31.82 -11.93
CA GLN A 490 -9.43 31.11 -12.92
C GLN A 490 -9.84 29.71 -12.47
N PHE A 491 -9.28 29.20 -11.39
CA PHE A 491 -9.71 27.94 -10.80
C PHE A 491 -10.86 28.11 -9.82
N HIS A 492 -11.25 29.36 -9.53
CA HIS A 492 -12.13 29.64 -8.39
C HIS A 492 -13.51 29.03 -8.57
N THR A 493 -14.09 29.14 -9.77
CA THR A 493 -15.44 28.63 -9.98
C THR A 493 -15.50 27.13 -9.77
N MET A 494 -14.56 26.40 -10.37
CA MET A 494 -14.50 24.95 -10.18
C MET A 494 -14.27 24.62 -8.71
N LEU A 495 -13.42 25.39 -8.02
CA LEU A 495 -13.17 25.10 -6.62
C LEU A 495 -14.43 25.32 -5.77
N MET A 496 -15.22 26.33 -6.10
CA MET A 496 -16.49 26.54 -5.40
C MET A 496 -17.47 25.40 -5.64
N ILE A 497 -17.57 24.94 -6.89
CA ILE A 497 -18.46 23.81 -7.16
C ILE A 497 -17.98 22.58 -6.39
N ALA A 498 -16.67 22.38 -6.32
CA ALA A 498 -16.12 21.26 -5.55
C ALA A 498 -16.47 21.37 -4.07
N ALA A 499 -16.39 22.58 -3.53
CA ALA A 499 -16.77 22.79 -2.13
C ALA A 499 -18.24 22.44 -1.90
N SER A 500 -19.12 22.84 -2.82
CA SER A 500 -20.53 22.50 -2.68
C SER A 500 -20.75 21.00 -2.73
N GLY A 501 -20.02 20.30 -3.63
CA GLY A 501 -20.09 18.85 -3.64
C GLY A 501 -19.65 18.24 -2.33
N ALA A 502 -18.59 18.80 -1.74
CA ALA A 502 -18.14 18.31 -0.44
C ALA A 502 -19.21 18.50 0.62
N VAL A 503 -19.93 19.62 0.56
CA VAL A 503 -21.03 19.84 1.50
C VAL A 503 -22.11 18.78 1.31
N LEU A 504 -22.43 18.44 0.06
CA LEU A 504 -23.40 17.37 -0.19
C LEU A 504 -22.92 16.05 0.43
N ILE A 505 -21.62 15.77 0.32
CA ILE A 505 -21.09 14.55 0.94
C ILE A 505 -21.21 14.62 2.46
N ALA A 506 -21.00 15.80 3.03
CA ALA A 506 -21.18 15.97 4.46
C ALA A 506 -22.62 15.66 4.87
N LEU A 507 -23.58 16.09 4.04
CA LEU A 507 -24.98 15.74 4.31
C LEU A 507 -25.20 14.24 4.21
N GLY A 508 -24.54 13.58 3.26
CA GLY A 508 -24.65 12.12 3.19
C GLY A 508 -24.14 11.44 4.44
N ILE A 509 -23.02 11.93 4.99
CA ILE A 509 -22.48 11.37 6.22
C ILE A 509 -23.44 11.62 7.38
N LEU A 510 -24.03 12.82 7.43
CA LEU A 510 -25.03 13.10 8.45
C LEU A 510 -26.20 12.15 8.32
N CYS A 511 -26.62 11.85 7.10
CA CYS A 511 -27.71 10.90 6.89
C CYS A 511 -27.33 9.52 7.39
N LEU A 512 -26.07 9.10 7.18
CA LEU A 512 -25.64 7.82 7.73
C LEU A 512 -25.73 7.82 9.26
N VAL A 513 -25.27 8.90 9.90
CA VAL A 513 -25.32 8.97 11.35
C VAL A 513 -26.76 8.89 11.84
N ILE A 514 -27.65 9.63 11.19
CA ILE A 514 -29.08 9.59 11.54
C ILE A 514 -29.64 8.20 11.31
N GLN A 515 -29.21 7.53 10.23
CA GLN A 515 -29.70 6.19 9.93
C GLN A 515 -29.31 5.23 11.05
N MET A 516 -28.06 5.28 11.49
CA MET A 516 -27.63 4.42 12.59
C MET A 516 -28.46 4.72 13.84
N TYR A 517 -28.61 6.01 14.17
CA TYR A 517 -29.35 6.36 15.37
C TYR A 517 -30.78 5.83 15.32
N VAL A 518 -31.47 6.07 14.21
CA VAL A 518 -32.87 5.67 14.09
C VAL A 518 -33.00 4.16 14.08
N SER A 519 -32.10 3.46 13.38
CA SER A 519 -32.16 2.01 13.34
C SER A 519 -31.99 1.42 14.73
N ILE A 520 -31.02 1.94 15.50
CA ILE A 520 -30.83 1.45 16.86
C ILE A 520 -32.03 1.77 17.72
N ARG A 521 -32.60 2.97 17.56
CA ARG A 521 -33.76 3.36 18.36
C ARG A 521 -34.94 2.43 18.10
N ASP A 522 -35.17 2.07 16.85
CA ASP A 522 -36.33 1.27 16.44
C ASP A 522 -35.95 -0.16 16.12
N ARG A 523 -34.91 -0.68 16.78
CA ARG A 523 -34.43 -2.03 16.47
C ARG A 523 -35.49 -3.08 16.76
N ASP A 524 -36.37 -2.85 17.74
CA ASP A 524 -37.36 -3.85 18.12
C ASP A 524 -38.41 -4.07 17.04
N GLN A 525 -38.66 -3.08 16.18
CA GLN A 525 -39.63 -3.23 15.11
C GLN A 525 -39.03 -3.74 13.82
N ASN A 526 -37.70 -3.84 13.73
CA ASN A 526 -37.02 -4.26 12.51
C ASN A 526 -36.11 -5.43 12.80
N ARG A 527 -36.58 -6.36 13.63
CA ARG A 527 -35.78 -7.51 13.99
C ARG A 527 -35.58 -8.44 12.80
N ASP A 528 -34.45 -9.15 12.81
CA ASP A 528 -34.16 -10.19 11.83
C ASP A 528 -34.32 -11.53 12.54
N LEU A 529 -35.54 -12.07 12.51
CA LEU A 529 -35.86 -13.23 13.31
C LEU A 529 -35.27 -14.51 12.74
N THR A 530 -35.33 -14.68 11.42
CA THR A 530 -34.91 -15.94 10.80
C THR A 530 -33.41 -16.00 10.53
N GLY A 531 -32.72 -14.87 10.55
CA GLY A 531 -31.35 -14.82 10.10
C GLY A 531 -31.17 -14.71 8.61
N ASP A 532 -32.26 -14.65 7.84
CA ASP A 532 -32.21 -14.54 6.38
C ASP A 532 -33.14 -13.42 5.96
N PRO A 533 -32.76 -12.16 6.21
CA PRO A 533 -33.67 -11.06 5.90
C PRO A 533 -33.83 -10.81 4.41
N TRP A 534 -32.76 -10.94 3.62
CA TRP A 534 -32.79 -10.60 2.21
C TRP A 534 -33.09 -11.78 1.31
N GLY A 535 -33.29 -12.98 1.85
CA GLY A 535 -33.33 -14.16 1.01
C GLY A 535 -31.99 -14.42 0.37
N GLY A 536 -30.95 -14.46 1.20
CA GLY A 536 -29.61 -14.63 0.71
C GLY A 536 -29.33 -16.04 0.21
N ARG A 537 -28.12 -16.22 -0.31
CA ARG A 537 -27.75 -17.44 -1.00
C ARG A 537 -26.56 -18.16 -0.38
N THR A 538 -25.84 -17.54 0.54
CA THR A 538 -24.62 -18.11 1.11
C THR A 538 -24.82 -18.47 2.57
N LEU A 539 -23.83 -19.15 3.14
CA LEU A 539 -24.01 -19.81 4.42
C LEU A 539 -24.21 -18.83 5.56
N GLU A 540 -23.70 -17.59 5.45
CA GLU A 540 -23.87 -16.65 6.55
C GLU A 540 -25.33 -16.41 6.85
N TRP A 541 -26.20 -16.55 5.87
CA TRP A 541 -27.64 -16.40 6.07
C TRP A 541 -28.28 -17.67 6.61
N ALA A 542 -27.53 -18.77 6.70
CA ALA A 542 -28.05 -20.00 7.28
C ALA A 542 -28.04 -19.98 8.80
N THR A 543 -27.35 -19.02 9.42
CA THR A 543 -27.30 -18.93 10.87
C THR A 543 -28.37 -17.94 11.37
N SER A 544 -28.45 -17.81 12.69
CA SER A 544 -29.33 -16.83 13.30
C SER A 544 -28.69 -15.44 13.21
N SER A 545 -29.48 -14.43 13.55
CA SER A 545 -29.03 -13.04 13.50
C SER A 545 -29.17 -12.39 14.87
N PRO A 546 -28.08 -12.13 15.60
CA PRO A 546 -26.69 -12.46 15.24
C PRO A 546 -26.45 -13.96 15.32
N PRO A 547 -25.39 -14.44 14.67
CA PRO A 547 -25.06 -15.86 14.78
C PRO A 547 -24.69 -16.20 16.20
N PRO A 548 -24.81 -17.46 16.61
CA PRO A 548 -24.28 -17.86 17.91
C PRO A 548 -22.77 -17.62 17.93
N PHE A 549 -22.24 -17.35 19.12
CA PHE A 549 -20.82 -17.01 19.23
C PHE A 549 -19.93 -18.07 18.59
N TYR A 550 -20.43 -19.29 18.40
CA TYR A 550 -19.68 -20.35 17.74
C TYR A 550 -20.07 -20.53 16.27
N ASN A 551 -20.88 -19.62 15.73
CA ASN A 551 -21.29 -19.63 14.31
C ASN A 551 -22.25 -20.78 14.00
N PHE A 552 -21.73 -22.00 13.92
CA PHE A 552 -22.51 -23.17 13.55
C PHE A 552 -22.41 -24.21 14.65
N ALA A 553 -23.56 -24.66 15.14
CA ALA A 553 -23.57 -25.78 16.08
C ALA A 553 -23.00 -27.02 15.43
N VAL A 554 -23.36 -27.28 14.17
CA VAL A 554 -22.79 -28.36 13.37
C VAL A 554 -22.19 -27.73 12.12
N VAL A 555 -20.97 -28.12 11.79
CA VAL A 555 -20.33 -27.60 10.59
C VAL A 555 -21.14 -28.06 9.40
N PRO A 556 -21.63 -27.16 8.55
CA PRO A 556 -22.46 -27.58 7.43
C PRO A 556 -21.66 -28.32 6.38
N HIS A 557 -22.36 -29.07 5.54
CA HIS A 557 -21.76 -29.79 4.42
C HIS A 557 -22.33 -29.22 3.13
N VAL A 558 -21.44 -28.76 2.26
CA VAL A 558 -21.82 -28.08 1.03
C VAL A 558 -21.74 -29.04 -0.14
N HIS A 559 -22.65 -28.89 -1.08
CA HIS A 559 -22.65 -29.67 -2.31
C HIS A 559 -22.49 -28.83 -3.57
N GLU A 560 -22.88 -27.56 -3.55
CA GLU A 560 -22.83 -26.71 -4.73
C GLU A 560 -22.48 -25.29 -4.32
N ARG A 561 -22.28 -24.44 -5.33
CA ARG A 561 -22.20 -23.01 -5.09
C ARG A 561 -23.52 -22.49 -4.54
N ASP A 562 -23.45 -21.42 -3.75
CA ASP A 562 -24.62 -20.87 -3.10
C ASP A 562 -25.31 -21.96 -2.27
N ALA A 563 -24.58 -22.45 -1.26
CA ALA A 563 -25.02 -23.63 -0.54
C ALA A 563 -26.36 -23.41 0.15
N PHE A 564 -26.53 -22.25 0.79
CA PHE A 564 -27.78 -21.98 1.49
C PHE A 564 -28.95 -21.89 0.52
N TRP A 565 -28.75 -21.30 -0.65
CA TRP A 565 -29.82 -21.23 -1.62
C TRP A 565 -30.25 -22.62 -2.06
N GLU A 566 -29.28 -23.50 -2.28
CA GLU A 566 -29.61 -24.87 -2.66
C GLU A 566 -30.31 -25.60 -1.52
N MET A 567 -29.91 -25.33 -0.27
CA MET A 567 -30.59 -25.93 0.87
C MET A 567 -32.05 -25.48 0.91
N LYS A 568 -32.30 -24.20 0.66
CA LYS A 568 -33.67 -23.70 0.63
C LYS A 568 -34.46 -24.32 -0.52
N GLU A 569 -33.84 -24.44 -1.69
CA GLU A 569 -34.53 -25.02 -2.84
C GLU A 569 -34.82 -26.50 -2.63
N LYS A 570 -34.01 -27.20 -1.86
CA LYS A 570 -34.20 -28.63 -1.62
C LYS A 570 -34.96 -28.92 -0.34
N GLY A 571 -35.37 -27.88 0.40
CA GLY A 571 -36.09 -28.07 1.64
C GLY A 571 -35.23 -28.52 2.80
N GLU A 572 -33.92 -28.52 2.65
CA GLU A 572 -33.01 -29.01 3.68
C GLU A 572 -32.60 -27.94 4.68
N ALA A 573 -33.04 -26.70 4.51
CA ALA A 573 -32.72 -25.66 5.47
C ALA A 573 -33.56 -25.81 6.74
N TYR A 574 -32.95 -25.44 7.87
CA TYR A 574 -33.65 -25.41 9.15
C TYR A 574 -34.05 -26.82 9.61
N LYS A 575 -33.11 -27.75 9.49
CA LYS A 575 -33.30 -29.11 9.96
C LYS A 575 -32.61 -29.30 11.30
N LYS A 576 -33.37 -29.70 12.31
CA LYS A 576 -32.81 -29.89 13.64
C LYS A 576 -31.87 -31.09 13.63
N PRO A 577 -30.60 -30.94 14.01
CA PRO A 577 -29.72 -32.11 14.06
C PRO A 577 -30.19 -33.12 15.09
N ASP A 578 -29.87 -34.39 14.83
CA ASP A 578 -30.27 -35.45 15.75
C ASP A 578 -29.63 -35.24 17.13
N HIS A 579 -28.35 -34.88 17.17
CA HIS A 579 -27.66 -34.67 18.43
C HIS A 579 -26.60 -33.61 18.22
N TYR A 580 -26.16 -33.02 19.34
CA TYR A 580 -25.13 -32.01 19.34
C TYR A 580 -23.89 -32.52 20.06
N GLU A 581 -22.76 -31.89 19.77
CA GLU A 581 -21.49 -32.25 20.37
C GLU A 581 -20.83 -30.99 20.92
N GLU A 582 -19.96 -31.18 21.90
CA GLU A 582 -19.23 -30.06 22.47
C GLU A 582 -18.35 -29.42 21.40
N ILE A 583 -18.19 -28.10 21.49
CA ILE A 583 -17.46 -27.32 20.50
C ILE A 583 -16.22 -26.73 21.16
N HIS A 584 -15.07 -27.00 20.56
CA HIS A 584 -13.82 -26.36 20.98
C HIS A 584 -13.82 -24.90 20.53
N MET A 585 -13.54 -24.00 21.47
CA MET A 585 -13.49 -22.57 21.15
C MET A 585 -12.29 -21.94 21.84
N PRO A 586 -11.73 -20.88 21.26
CA PRO A 586 -10.63 -20.18 21.91
C PRO A 586 -11.12 -19.22 22.98
N LYS A 587 -10.32 -19.08 24.03
CA LYS A 587 -10.65 -18.16 25.11
C LYS A 587 -10.22 -16.74 24.78
N ASN A 588 -10.93 -15.77 25.36
CA ASN A 588 -10.55 -14.38 25.23
C ASN A 588 -9.22 -14.13 25.94
N SER A 589 -8.47 -13.17 25.43
CA SER A 589 -7.15 -12.86 25.98
C SER A 589 -6.93 -11.36 26.02
N GLY A 590 -6.38 -10.89 27.13
CA GLY A 590 -5.92 -9.53 27.24
C GLY A 590 -4.51 -9.30 26.77
N ALA A 591 -3.82 -10.35 26.31
CA ALA A 591 -2.43 -10.22 25.91
C ALA A 591 -2.28 -9.28 24.72
N GLY A 592 -3.20 -9.37 23.76
CA GLY A 592 -3.10 -8.53 22.58
C GLY A 592 -3.14 -7.05 22.91
N ILE A 593 -4.07 -6.65 23.79
CA ILE A 593 -4.17 -5.25 24.16
C ILE A 593 -2.92 -4.80 24.91
N VAL A 594 -2.34 -5.68 25.73
CA VAL A 594 -1.14 -5.31 26.47
C VAL A 594 0.03 -5.12 25.51
N ILE A 595 0.20 -6.04 24.56
CA ILE A 595 1.26 -5.90 23.57
C ILE A 595 1.06 -4.61 22.78
N ALA A 596 -0.18 -4.31 22.39
CA ALA A 596 -0.45 -3.09 21.65
C ALA A 596 -0.16 -1.85 22.48
N ALA A 597 -0.48 -1.88 23.78
CA ALA A 597 -0.17 -0.74 24.63
C ALA A 597 1.33 -0.52 24.74
N PHE A 598 2.08 -1.59 24.92
CA PHE A 598 3.54 -1.47 24.94
C PHE A 598 4.06 -0.95 23.61
N SER A 599 3.47 -1.41 22.50
CA SER A 599 3.87 -0.93 21.19
C SER A 599 3.56 0.55 21.02
N THR A 600 2.42 1.00 21.56
CA THR A 600 2.09 2.41 21.51
C THR A 600 3.10 3.23 22.29
N ILE A 601 3.46 2.77 23.48
CA ILE A 601 4.48 3.46 24.27
C ILE A 601 5.79 3.50 23.50
N PHE A 602 6.16 2.37 22.87
CA PHE A 602 7.42 2.30 22.14
C PHE A 602 7.42 3.28 20.98
N GLY A 603 6.33 3.33 20.22
CA GLY A 603 6.26 4.27 19.11
C GLY A 603 6.33 5.70 19.57
N PHE A 604 5.57 6.05 20.61
CA PHE A 604 5.62 7.42 21.12
C PHE A 604 7.02 7.78 21.60
N ALA A 605 7.68 6.85 22.29
CA ALA A 605 9.03 7.11 22.78
C ALA A 605 10.01 7.30 21.63
N MET A 606 9.89 6.47 20.59
CA MET A 606 10.77 6.62 19.43
C MET A 606 10.52 7.94 18.73
N ILE A 607 9.27 8.39 18.68
CA ILE A 607 8.95 9.66 18.04
C ILE A 607 9.64 10.80 18.76
N TRP A 608 9.63 10.78 20.09
CA TRP A 608 10.19 11.85 20.89
C TRP A 608 11.58 11.52 21.42
N HIS A 609 12.22 10.48 20.89
CA HIS A 609 13.60 10.14 21.24
C HIS A 609 13.75 9.92 22.73
N ILE A 610 12.74 9.34 23.36
CA ILE A 610 12.81 8.96 24.78
C ILE A 610 13.32 7.53 24.80
N TRP A 611 14.65 7.40 24.77
CA TRP A 611 15.27 6.11 24.50
C TRP A 611 14.94 5.09 25.60
N TRP A 612 15.03 5.50 26.86
CA TRP A 612 14.74 4.56 27.94
C TRP A 612 13.30 4.07 27.84
N LEU A 613 12.36 4.97 27.55
CA LEU A 613 10.97 4.56 27.40
C LEU A 613 10.77 3.64 26.20
N ALA A 614 11.50 3.89 25.11
CA ALA A 614 11.41 3.00 23.96
C ALA A 614 11.92 1.61 24.30
N ILE A 615 13.02 1.53 25.06
CA ILE A 615 13.53 0.23 25.49
C ILE A 615 12.49 -0.47 26.35
N VAL A 616 11.88 0.27 27.29
CA VAL A 616 10.87 -0.34 28.14
C VAL A 616 9.72 -0.87 27.30
N GLY A 617 9.27 -0.10 26.32
CA GLY A 617 8.15 -0.53 25.49
C GLY A 617 8.48 -1.78 24.67
N PHE A 618 9.66 -1.78 24.04
CA PHE A 618 10.05 -2.93 23.22
C PHE A 618 10.22 -4.18 24.09
N ALA A 619 10.89 -4.03 25.24
CA ALA A 619 11.02 -5.15 26.16
C ALA A 619 9.66 -5.63 26.63
N GLY A 620 8.72 -4.71 26.86
CA GLY A 620 7.39 -5.11 27.25
C GLY A 620 6.69 -5.92 26.18
N MET A 621 6.81 -5.48 24.93
CA MET A 621 6.22 -6.24 23.83
C MET A 621 6.77 -7.66 23.81
N ILE A 622 8.10 -7.80 23.81
CA ILE A 622 8.71 -9.11 23.69
C ILE A 622 8.40 -9.97 24.91
N ILE A 623 8.46 -9.39 26.10
CA ILE A 623 8.24 -10.16 27.32
C ILE A 623 6.80 -10.63 27.41
N THR A 624 5.86 -9.76 27.05
CA THR A 624 4.45 -10.18 27.02
C THR A 624 4.24 -11.29 26.01
N TRP A 625 4.88 -11.18 24.85
CA TRP A 625 4.83 -12.26 23.87
C TRP A 625 5.30 -13.57 24.48
N ILE A 626 6.46 -13.56 25.15
CA ILE A 626 7.00 -14.80 25.71
C ILE A 626 6.09 -15.34 26.80
N VAL A 627 5.62 -14.47 27.69
CA VAL A 627 4.76 -14.89 28.79
C VAL A 627 3.50 -15.56 28.23
N LYS A 628 2.89 -14.93 27.23
CA LYS A 628 1.75 -15.55 26.57
C LYS A 628 2.13 -16.91 26.01
N SER A 629 3.32 -17.01 25.41
CA SER A 629 3.78 -18.31 24.92
C SER A 629 3.82 -19.35 26.02
N PHE A 630 3.97 -18.92 27.27
CA PHE A 630 3.94 -19.87 28.38
C PHE A 630 2.53 -20.23 28.83
N ASP A 631 1.50 -19.60 28.27
CA ASP A 631 0.13 -19.89 28.68
C ASP A 631 -0.33 -21.24 28.12
N GLU A 632 -1.07 -21.98 28.94
CA GLU A 632 -1.58 -23.29 28.58
C GLU A 632 -3.09 -23.29 28.36
N ASP A 633 -3.85 -22.66 29.26
CA ASP A 633 -5.30 -22.61 29.18
C ASP A 633 -5.69 -21.49 28.22
N VAL A 634 -5.88 -21.86 26.95
CA VAL A 634 -6.24 -20.89 25.91
C VAL A 634 -7.44 -21.37 25.12
N ASP A 635 -8.13 -22.39 25.63
CA ASP A 635 -9.29 -22.93 24.94
C ASP A 635 -10.25 -23.54 25.94
N TYR A 636 -11.50 -23.70 25.51
CA TYR A 636 -12.55 -24.28 26.34
C TYR A 636 -13.58 -24.93 25.45
N TYR A 637 -14.40 -25.79 26.05
CA TYR A 637 -15.46 -26.50 25.34
C TYR A 637 -16.81 -25.92 25.71
N VAL A 638 -17.62 -25.62 24.71
CA VAL A 638 -18.98 -25.15 24.94
C VAL A 638 -19.85 -26.35 25.30
N PRO A 639 -20.49 -26.36 26.47
CA PRO A 639 -21.32 -27.52 26.83
C PRO A 639 -22.46 -27.72 25.85
N VAL A 640 -22.85 -28.98 25.67
CA VAL A 640 -23.94 -29.30 24.75
C VAL A 640 -25.24 -28.63 25.19
N ALA A 641 -25.41 -28.39 26.49
CA ALA A 641 -26.63 -27.74 26.95
C ALA A 641 -26.76 -26.32 26.40
N GLU A 642 -25.65 -25.57 26.40
CA GLU A 642 -25.67 -24.23 25.84
C GLU A 642 -26.04 -24.25 24.36
N ILE A 643 -25.43 -25.16 23.61
CA ILE A 643 -25.70 -25.26 22.19
C ILE A 643 -27.15 -25.63 21.96
N GLU A 644 -27.66 -26.59 22.73
CA GLU A 644 -29.05 -26.99 22.62
C GLU A 644 -29.99 -25.81 22.85
N LYS A 645 -29.71 -25.02 23.90
CA LYS A 645 -30.58 -23.88 24.20
C LYS A 645 -30.57 -22.87 23.05
N LEU A 646 -29.38 -22.51 22.56
CA LEU A 646 -29.31 -21.52 21.49
C LEU A 646 -29.99 -22.02 20.22
N GLU A 647 -29.74 -23.28 19.86
CA GLU A 647 -30.35 -23.82 18.66
C GLU A 647 -31.86 -23.90 18.79
N ASN A 648 -32.35 -24.22 20.00
CA ASN A 648 -33.79 -24.28 20.20
C ASN A 648 -34.43 -22.90 20.06
N GLN A 649 -33.80 -21.87 20.61
CA GLN A 649 -34.36 -20.53 20.40
C GLN A 649 -34.38 -20.16 18.93
N HIS A 650 -33.30 -20.46 18.21
CA HIS A 650 -33.28 -20.16 16.78
C HIS A 650 -34.39 -20.91 16.05
N PHE A 651 -34.60 -22.18 16.41
CA PHE A 651 -35.59 -22.98 15.70
C PHE A 651 -37.01 -22.56 16.07
N ASP A 652 -37.22 -22.09 17.30
CA ASP A 652 -38.51 -21.49 17.63
C ASP A 652 -38.77 -20.28 16.77
N GLU A 653 -37.75 -19.44 16.57
CA GLU A 653 -37.92 -18.31 15.65
C GLU A 653 -38.26 -18.78 14.24
N ILE A 654 -37.53 -19.79 13.76
CA ILE A 654 -37.76 -20.27 12.40
C ILE A 654 -39.18 -20.79 12.25
N THR A 655 -39.65 -21.57 13.22
CA THR A 655 -41.00 -22.11 13.15
C THR A 655 -42.04 -21.01 13.21
N LYS A 656 -41.84 -20.02 14.09
CA LYS A 656 -42.79 -18.92 14.15
C LYS A 656 -42.87 -18.18 12.82
N ALA A 657 -41.72 -17.92 12.20
CA ALA A 657 -41.72 -17.23 10.91
C ALA A 657 -42.44 -18.05 9.85
N GLY A 658 -42.18 -19.36 9.81
CA GLY A 658 -42.80 -20.22 8.82
C GLY A 658 -42.09 -21.55 8.67
N LEU B 22 -15.71 15.94 -16.80
CA LEU B 22 -15.79 17.32 -17.27
C LEU B 22 -14.45 17.77 -17.84
N SER B 23 -14.45 18.89 -18.56
CA SER B 23 -13.24 19.44 -19.16
C SER B 23 -13.46 20.92 -19.43
N GLY B 24 -12.54 21.53 -20.18
CA GLY B 24 -12.67 22.92 -20.56
C GLY B 24 -12.06 23.20 -21.92
N CYS B 25 -12.85 23.77 -22.83
CA CYS B 25 -12.43 23.90 -24.22
C CYS B 25 -11.16 24.75 -24.33
N ASN B 26 -11.08 25.86 -23.59
CA ASN B 26 -9.93 26.74 -23.60
C ASN B 26 -8.94 26.41 -22.49
N SER B 27 -8.91 25.16 -22.04
CA SER B 27 -8.01 24.79 -20.96
C SER B 27 -6.58 24.61 -21.48
N ALA B 28 -5.63 24.57 -20.55
CA ALA B 28 -4.23 24.47 -20.94
C ALA B 28 -3.98 23.20 -21.74
N LEU B 29 -4.56 22.09 -21.34
CA LEU B 29 -4.31 20.82 -22.01
C LEU B 29 -5.20 20.58 -23.21
N LEU B 30 -6.44 21.06 -23.19
CA LEU B 30 -7.33 20.89 -24.33
C LEU B 30 -7.19 21.99 -25.36
N ASP B 31 -6.46 23.06 -25.04
CA ASP B 31 -6.13 24.12 -25.98
C ASP B 31 -4.64 24.44 -25.88
N PRO B 32 -3.78 23.47 -26.17
CA PRO B 32 -2.35 23.69 -26.01
C PRO B 32 -1.78 24.58 -27.11
N LYS B 33 -0.69 25.26 -26.77
CA LYS B 33 0.01 26.14 -27.70
C LYS B 33 1.37 25.60 -28.11
N GLY B 34 1.69 24.37 -27.73
CA GLY B 34 2.95 23.76 -28.10
C GLY B 34 2.74 22.45 -28.83
N GLN B 35 3.70 22.04 -29.65
CA GLN B 35 3.53 20.83 -30.44
C GLN B 35 3.37 19.61 -29.54
N ILE B 36 4.21 19.49 -28.52
CA ILE B 36 4.10 18.36 -27.60
C ILE B 36 2.71 18.32 -26.98
N GLY B 37 2.22 19.48 -26.53
CA GLY B 37 0.88 19.54 -25.95
C GLY B 37 -0.20 19.18 -26.94
N LEU B 38 -0.04 19.58 -28.20
CA LEU B 38 -1.04 19.24 -29.21
C LEU B 38 -1.10 17.73 -29.45
N GLU B 39 0.06 17.08 -29.56
CA GLU B 39 0.05 15.63 -29.70
C GLU B 39 -0.54 14.98 -28.47
N GLN B 40 -0.26 15.52 -27.29
CA GLN B 40 -0.83 14.95 -26.07
C GLN B 40 -2.33 15.10 -26.02
N ARG B 41 -2.86 16.24 -26.50
CA ARG B 41 -4.30 16.40 -26.60
C ARG B 41 -4.89 15.36 -27.55
N SER B 42 -4.27 15.14 -28.70
CA SER B 42 -4.77 14.14 -29.63
C SER B 42 -4.77 12.76 -28.99
N LEU B 43 -3.69 12.43 -28.28
CA LEU B 43 -3.61 11.14 -27.60
C LEU B 43 -4.72 11.00 -26.56
N ILE B 44 -4.95 12.06 -25.78
CA ILE B 44 -5.98 12.02 -24.75
C ILE B 44 -7.35 11.80 -25.37
N LEU B 45 -7.66 12.53 -26.44
CA LEU B 45 -8.97 12.39 -27.07
C LEU B 45 -9.14 11.01 -27.68
N THR B 46 -8.10 10.47 -28.31
CA THR B 46 -8.17 9.13 -28.89
C THR B 46 -8.45 8.09 -27.81
N ALA B 47 -7.70 8.14 -26.71
CA ALA B 47 -7.91 7.19 -25.62
C ALA B 47 -9.30 7.34 -25.03
N PHE B 48 -9.75 8.59 -24.86
CA PHE B 48 -11.09 8.84 -24.34
C PHE B 48 -12.15 8.18 -25.21
N GLY B 49 -12.07 8.38 -26.53
CA GLY B 49 -13.07 7.78 -27.41
C GLY B 49 -13.02 6.26 -27.41
N LEU B 50 -11.81 5.70 -27.49
CA LEU B 50 -11.68 4.24 -27.49
C LEU B 50 -12.29 3.67 -26.21
N MET B 51 -12.02 4.30 -25.07
CA MET B 51 -12.55 3.79 -23.81
C MET B 51 -14.05 4.01 -23.72
N LEU B 52 -14.55 5.12 -24.23
CA LEU B 52 -16.00 5.36 -24.21
C LEU B 52 -16.73 4.24 -24.94
N ILE B 53 -16.15 3.74 -26.04
CA ILE B 53 -16.77 2.67 -26.81
C ILE B 53 -17.33 1.59 -25.89
N VAL B 54 -16.63 1.28 -24.81
CA VAL B 54 -17.07 0.23 -23.89
C VAL B 54 -17.63 0.79 -22.58
N VAL B 55 -17.20 1.98 -22.15
CA VAL B 55 -17.66 2.52 -20.88
C VAL B 55 -19.11 2.95 -20.99
N ILE B 56 -19.47 3.64 -22.08
CA ILE B 56 -20.85 4.10 -22.23
C ILE B 56 -21.84 2.93 -22.23
N PRO B 57 -21.60 1.85 -22.98
CA PRO B 57 -22.50 0.69 -22.84
C PRO B 57 -22.60 0.17 -21.42
N ALA B 58 -21.52 0.18 -20.64
CA ALA B 58 -21.60 -0.32 -19.28
C ALA B 58 -22.56 0.50 -18.44
N ILE B 59 -22.45 1.83 -18.51
CA ILE B 59 -23.31 2.71 -17.71
C ILE B 59 -24.75 2.61 -18.20
N LEU B 60 -24.95 2.66 -19.52
CA LEU B 60 -26.29 2.57 -20.06
C LEU B 60 -26.93 1.24 -19.69
N MET B 61 -26.17 0.15 -19.75
CA MET B 61 -26.70 -1.15 -19.38
C MET B 61 -27.03 -1.19 -17.90
N ALA B 62 -26.18 -0.62 -17.04
CA ALA B 62 -26.50 -0.58 -15.62
C ALA B 62 -27.86 0.05 -15.41
N VAL B 63 -28.06 1.25 -15.95
CA VAL B 63 -29.32 1.95 -15.70
C VAL B 63 -30.48 1.24 -16.37
N GLY B 64 -30.31 0.80 -17.62
CA GLY B 64 -31.40 0.18 -18.35
C GLY B 64 -31.82 -1.14 -17.78
N PHE B 65 -30.86 -1.97 -17.37
CA PHE B 65 -31.20 -3.22 -16.70
C PHE B 65 -31.86 -2.95 -15.36
N ALA B 66 -31.38 -1.95 -14.62
CA ALA B 66 -32.03 -1.60 -13.37
C ALA B 66 -33.50 -1.28 -13.59
N TRP B 67 -33.79 -0.47 -14.61
CA TRP B 67 -35.19 -0.10 -14.88
C TRP B 67 -35.99 -1.28 -15.41
N LYS B 68 -35.53 -1.88 -16.51
CA LYS B 68 -36.35 -2.86 -17.22
C LYS B 68 -36.64 -4.08 -16.37
N TYR B 69 -35.64 -4.60 -15.65
CA TYR B 69 -35.77 -5.82 -14.89
C TYR B 69 -35.99 -5.55 -13.41
N ARG B 70 -36.59 -4.41 -13.07
CA ARG B 70 -37.00 -4.16 -11.70
C ARG B 70 -38.04 -5.20 -11.29
N ALA B 71 -38.06 -5.50 -9.98
CA ALA B 71 -38.96 -6.54 -9.49
C ALA B 71 -40.42 -6.21 -9.76
N SER B 72 -40.75 -4.92 -9.89
CA SER B 72 -42.13 -4.54 -10.19
C SER B 72 -42.58 -5.07 -11.54
N ASN B 73 -41.71 -4.97 -12.55
CA ASN B 73 -42.09 -5.28 -13.93
C ASN B 73 -42.40 -6.76 -14.07
N LYS B 74 -43.67 -7.09 -14.23
CA LYS B 74 -44.10 -8.48 -14.39
C LYS B 74 -44.01 -8.97 -15.83
N ASP B 75 -43.82 -8.07 -16.79
CA ASP B 75 -43.71 -8.47 -18.19
C ASP B 75 -42.30 -8.91 -18.57
N ALA B 76 -41.28 -8.36 -17.93
CA ALA B 76 -39.91 -8.67 -18.31
C ALA B 76 -39.58 -10.12 -18.01
N LYS B 77 -38.76 -10.72 -18.86
CA LYS B 77 -38.38 -12.12 -18.69
C LYS B 77 -37.53 -12.29 -17.44
N TYR B 78 -37.85 -13.32 -16.66
CA TYR B 78 -37.12 -13.64 -15.44
C TYR B 78 -36.43 -14.98 -15.64
N SER B 79 -35.12 -15.01 -15.45
CA SER B 79 -34.31 -16.20 -15.66
C SER B 79 -33.42 -16.42 -14.44
N PRO B 80 -34.00 -16.87 -13.32
CA PRO B 80 -33.21 -16.96 -12.08
C PRO B 80 -32.00 -17.87 -12.20
N ASN B 81 -32.07 -18.93 -13.00
CA ASN B 81 -31.01 -19.93 -13.07
C ASN B 81 -30.12 -19.78 -14.29
N TRP B 82 -30.21 -18.68 -15.01
CA TRP B 82 -29.36 -18.43 -16.17
C TRP B 82 -28.09 -17.73 -15.68
N SER B 83 -26.97 -18.46 -15.67
CA SER B 83 -25.74 -17.97 -15.07
C SER B 83 -24.51 -18.06 -15.95
N HIS B 84 -24.56 -18.79 -17.05
CA HIS B 84 -23.41 -18.91 -17.94
C HIS B 84 -23.88 -18.81 -19.39
N SER B 85 -23.11 -18.10 -20.19
CA SER B 85 -23.34 -18.01 -21.63
C SER B 85 -22.00 -17.85 -22.31
N ASN B 86 -21.63 -18.82 -23.15
CA ASN B 86 -20.35 -18.78 -23.82
C ASN B 86 -20.26 -17.57 -24.74
N LYS B 87 -21.33 -17.27 -25.47
CA LYS B 87 -21.31 -16.14 -26.40
C LYS B 87 -21.12 -14.82 -25.65
N VAL B 88 -21.89 -14.62 -24.57
CA VAL B 88 -21.82 -13.38 -23.82
C VAL B 88 -20.43 -13.21 -23.21
N GLU B 89 -19.92 -14.28 -22.58
CA GLU B 89 -18.60 -14.22 -21.97
C GLU B 89 -17.52 -13.96 -23.00
N ALA B 90 -17.63 -14.60 -24.17
CA ALA B 90 -16.66 -14.38 -25.24
C ALA B 90 -16.66 -12.92 -25.68
N VAL B 91 -17.84 -12.33 -25.84
CA VAL B 91 -17.91 -10.93 -26.26
C VAL B 91 -17.32 -10.02 -25.20
N VAL B 92 -17.70 -10.24 -23.94
CA VAL B 92 -17.23 -9.33 -22.88
C VAL B 92 -15.73 -9.46 -22.68
N TRP B 93 -15.15 -10.63 -22.96
CA TRP B 93 -13.71 -10.76 -22.88
C TRP B 93 -13.01 -10.14 -24.09
N THR B 94 -13.56 -10.36 -25.29
CA THR B 94 -12.85 -9.97 -26.50
C THR B 94 -12.89 -8.47 -26.76
N VAL B 95 -14.04 -7.82 -26.54
CA VAL B 95 -14.13 -6.38 -26.82
C VAL B 95 -13.09 -5.60 -26.02
N PRO B 96 -12.97 -5.77 -24.71
CA PRO B 96 -11.86 -5.10 -24.00
C PRO B 96 -10.50 -5.48 -24.54
N ILE B 97 -10.31 -6.73 -24.98
CA ILE B 97 -9.01 -7.13 -25.49
C ILE B 97 -8.65 -6.35 -26.74
N LEU B 98 -9.61 -6.20 -27.67
CA LEU B 98 -9.34 -5.42 -28.88
C LEU B 98 -9.08 -3.97 -28.54
N ILE B 99 -9.90 -3.39 -27.66
CA ILE B 99 -9.70 -1.99 -27.27
C ILE B 99 -8.30 -1.81 -26.68
N ILE B 100 -7.92 -2.72 -25.78
CA ILE B 100 -6.63 -2.59 -25.10
C ILE B 100 -5.47 -2.85 -26.05
N ILE B 101 -5.64 -3.76 -27.03
CA ILE B 101 -4.57 -3.96 -28.00
C ILE B 101 -4.32 -2.68 -28.79
N PHE B 102 -5.40 -2.05 -29.26
CA PHE B 102 -5.25 -0.79 -29.98
C PHE B 102 -4.61 0.27 -29.07
N LEU B 103 -5.10 0.37 -27.83
CA LEU B 103 -4.56 1.35 -26.89
C LEU B 103 -3.10 1.09 -26.63
N ALA B 104 -2.69 -0.18 -26.53
CA ALA B 104 -1.30 -0.51 -26.24
C ALA B 104 -0.39 -0.19 -27.40
N VAL B 105 -0.85 -0.44 -28.64
CA VAL B 105 -0.05 -0.05 -29.79
C VAL B 105 0.13 1.46 -29.80
N LEU B 106 -0.95 2.20 -29.63
CA LEU B 106 -0.85 3.66 -29.59
C LEU B 106 0.05 4.12 -28.45
N THR B 107 -0.01 3.42 -27.31
CA THR B 107 0.81 3.76 -26.16
C THR B 107 2.28 3.58 -26.48
N TRP B 108 2.66 2.42 -27.01
CA TRP B 108 4.05 2.20 -27.38
C TRP B 108 4.54 3.30 -28.32
N LYS B 109 3.78 3.54 -29.39
CA LYS B 109 4.21 4.51 -30.40
C LYS B 109 4.37 5.90 -29.79
N THR B 110 3.35 6.37 -29.06
CA THR B 110 3.37 7.73 -28.55
C THR B 110 4.38 7.90 -27.44
N THR B 111 4.52 6.90 -26.56
CA THR B 111 5.52 6.98 -25.51
C THR B 111 6.91 7.13 -26.11
N HIS B 112 7.19 6.39 -27.20
CA HIS B 112 8.49 6.58 -27.83
C HIS B 112 8.57 7.90 -28.59
N ALA B 113 7.45 8.40 -29.11
CA ALA B 113 7.47 9.67 -29.83
C ALA B 113 7.53 10.86 -28.91
N LEU B 114 6.92 10.77 -27.72
CA LEU B 114 6.84 11.88 -26.78
C LEU B 114 7.82 11.74 -25.63
N GLU B 115 8.88 10.95 -25.80
CA GLU B 115 9.88 10.79 -24.76
C GLU B 115 10.46 12.16 -24.41
N PRO B 116 10.43 12.58 -23.14
CA PRO B 116 10.88 13.94 -22.83
C PRO B 116 12.32 14.23 -23.23
N SER B 117 13.21 13.24 -23.13
CA SER B 117 14.61 13.44 -23.48
C SER B 117 14.86 13.44 -24.99
N LYS B 118 13.84 13.15 -25.79
CA LYS B 118 14.03 13.07 -27.24
C LYS B 118 14.07 14.46 -27.84
N PRO B 119 15.15 14.86 -28.51
CA PRO B 119 15.15 16.16 -29.19
C PRO B 119 14.13 16.19 -30.31
N LEU B 120 13.58 17.37 -30.55
CA LEU B 120 12.56 17.52 -31.58
C LEU B 120 13.20 17.65 -32.95
N ALA B 121 12.47 17.21 -33.97
CA ALA B 121 12.88 17.41 -35.35
C ALA B 121 12.47 18.82 -35.77
N HIS B 122 13.45 19.69 -35.99
CA HIS B 122 13.15 21.08 -36.30
C HIS B 122 14.33 21.70 -37.03
N ASP B 123 14.03 22.68 -37.88
CA ASP B 123 15.07 23.36 -38.65
C ASP B 123 15.88 24.30 -37.76
N GLU B 124 15.22 25.00 -36.83
CA GLU B 124 15.93 25.95 -35.98
C GLU B 124 16.73 25.22 -34.91
N LYS B 125 17.90 25.75 -34.61
CA LYS B 125 18.72 25.19 -33.55
C LYS B 125 18.03 25.39 -32.20
N PRO B 126 18.02 24.38 -31.33
CA PRO B 126 17.39 24.55 -30.02
C PRO B 126 18.15 25.53 -29.15
N ILE B 127 17.42 26.16 -28.24
CA ILE B 127 17.99 27.01 -27.20
C ILE B 127 18.03 26.21 -25.91
N THR B 128 19.20 26.15 -25.28
CA THR B 128 19.36 25.41 -24.04
C THR B 128 19.04 26.32 -22.86
N ILE B 129 18.11 25.90 -22.03
CA ILE B 129 17.79 26.58 -20.79
C ILE B 129 18.01 25.59 -19.66
N GLU B 130 18.87 25.95 -18.71
CA GLU B 130 19.12 25.13 -17.55
C GLU B 130 18.19 25.56 -16.42
N VAL B 131 17.55 24.59 -15.77
CA VAL B 131 16.51 24.83 -14.78
C VAL B 131 16.96 24.25 -13.45
N VAL B 132 16.93 25.09 -12.41
CA VAL B 132 17.23 24.66 -11.06
C VAL B 132 16.07 25.06 -10.17
N SER B 133 15.38 24.09 -9.60
CA SER B 133 14.36 24.37 -8.61
C SER B 133 15.03 24.67 -7.28
N MET B 134 14.58 25.74 -6.63
CA MET B 134 15.03 26.14 -5.30
C MET B 134 13.83 26.16 -4.37
N ASP B 135 14.10 26.39 -3.08
CA ASP B 135 13.06 26.58 -2.07
C ASP B 135 12.86 28.08 -1.91
N TRP B 136 11.76 28.63 -2.43
CA TRP B 136 10.80 27.97 -3.32
C TRP B 136 10.56 28.86 -4.52
N LYS B 137 11.43 28.71 -5.53
CA LYS B 137 11.33 29.50 -6.75
C LYS B 137 12.18 28.80 -7.80
N TRP B 138 11.98 29.19 -9.06
CA TRP B 138 12.66 28.57 -10.18
C TRP B 138 13.80 29.47 -10.64
N PHE B 139 15.00 28.90 -10.69
CA PHE B 139 16.19 29.58 -11.17
C PHE B 139 16.53 29.04 -12.55
N PHE B 140 16.77 29.94 -13.50
CA PHE B 140 17.03 29.57 -14.89
C PHE B 140 18.37 30.13 -15.33
N ILE B 141 19.13 29.33 -16.06
CA ILE B 141 20.41 29.73 -16.60
C ILE B 141 20.36 29.59 -18.12
N TYR B 142 20.78 30.64 -18.81
CA TYR B 142 20.95 30.57 -20.25
C TYR B 142 22.43 30.45 -20.54
N PRO B 143 22.99 29.23 -20.57
CA PRO B 143 24.44 29.11 -20.69
C PRO B 143 25.01 29.77 -21.94
N GLU B 144 24.29 29.74 -23.06
CA GLU B 144 24.79 30.35 -24.28
C GLU B 144 24.71 31.87 -24.23
N GLN B 145 23.66 32.41 -23.62
CA GLN B 145 23.48 33.86 -23.55
C GLN B 145 24.15 34.48 -22.33
N GLY B 146 24.66 33.67 -21.40
CA GLY B 146 25.35 34.21 -20.24
C GLY B 146 24.49 35.06 -19.34
N ILE B 147 23.24 34.66 -19.11
CA ILE B 147 22.35 35.33 -18.18
C ILE B 147 21.62 34.28 -17.36
N ALA B 148 21.04 34.72 -16.25
CA ALA B 148 20.21 33.85 -15.42
C ALA B 148 19.04 34.67 -14.90
N THR B 149 17.95 33.97 -14.57
CA THR B 149 16.72 34.62 -14.15
C THR B 149 16.05 33.80 -13.05
N VAL B 150 15.15 34.46 -12.33
CA VAL B 150 14.31 33.80 -11.34
C VAL B 150 12.86 33.94 -11.79
N ASN B 151 12.19 32.81 -11.95
CA ASN B 151 10.74 32.75 -12.16
C ASN B 151 10.30 33.39 -13.47
N GLU B 152 11.18 33.45 -14.46
CA GLU B 152 10.80 33.96 -15.77
C GLU B 152 11.77 33.44 -16.82
N ILE B 153 11.22 32.95 -17.93
CA ILE B 153 12.02 32.51 -19.07
C ILE B 153 11.38 33.06 -20.34
N ALA B 154 12.24 33.40 -21.29
CA ALA B 154 11.80 33.81 -22.61
C ALA B 154 12.55 32.97 -23.65
N PHE B 155 11.89 32.74 -24.77
CA PHE B 155 12.51 32.05 -25.89
C PHE B 155 11.69 32.35 -27.13
N PRO B 156 12.28 32.32 -28.32
CA PRO B 156 11.50 32.55 -29.53
C PRO B 156 10.45 31.46 -29.72
N ALA B 157 9.28 31.87 -30.21
CA ALA B 157 8.27 30.89 -30.60
C ALA B 157 8.74 30.13 -31.82
N ASN B 158 8.19 28.93 -32.00
CA ASN B 158 8.55 28.06 -33.11
C ASN B 158 10.04 27.75 -33.11
N THR B 159 10.65 27.80 -31.93
CA THR B 159 12.06 27.46 -31.75
C THR B 159 12.11 26.38 -30.67
N PRO B 160 12.64 25.19 -30.96
CA PRO B 160 12.71 24.17 -29.91
C PRO B 160 13.54 24.66 -28.73
N VAL B 161 13.10 24.30 -27.53
CA VAL B 161 13.77 24.66 -26.29
C VAL B 161 14.22 23.36 -25.63
N TYR B 162 15.50 23.30 -25.30
CA TYR B 162 16.08 22.14 -24.63
C TYR B 162 16.24 22.49 -23.15
N PHE B 163 15.49 21.81 -22.30
CA PHE B 163 15.50 22.07 -20.87
C PHE B 163 16.37 21.03 -20.18
N LYS B 164 17.34 21.51 -19.41
CA LYS B 164 18.11 20.67 -18.51
C LYS B 164 17.67 21.01 -17.10
N VAL B 165 17.15 20.01 -16.38
CA VAL B 165 16.41 20.23 -15.16
C VAL B 165 17.12 19.52 -14.02
N THR B 166 17.33 20.24 -12.92
CA THR B 166 17.85 19.67 -11.70
C THR B 166 17.19 20.40 -10.52
N SER B 167 17.47 19.92 -9.32
CA SER B 167 16.93 20.52 -8.11
C SER B 167 18.07 20.86 -7.17
N ASN B 168 17.86 21.90 -6.37
CA ASN B 168 18.83 22.27 -5.36
C ASN B 168 18.54 21.68 -3.99
N SER B 169 17.27 21.47 -3.63
CA SER B 169 16.94 20.84 -2.37
C SER B 169 16.14 19.55 -2.53
N VAL B 170 14.92 19.60 -3.07
CA VAL B 170 13.98 18.50 -2.97
C VAL B 170 13.29 18.29 -4.31
N MET B 171 12.53 17.21 -4.37
CA MET B 171 11.78 16.86 -5.58
C MET B 171 10.85 17.99 -5.99
N ASN B 172 10.97 18.42 -7.23
CA ASN B 172 10.02 19.31 -7.86
C ASN B 172 9.71 18.75 -9.24
N SER B 173 8.74 19.35 -9.91
CA SER B 173 8.37 18.94 -11.27
C SER B 173 8.20 20.17 -12.13
N PHE B 174 9.10 20.35 -13.08
CA PHE B 174 9.04 21.48 -14.00
C PHE B 174 7.92 21.28 -15.00
N PHE B 175 6.97 22.21 -15.04
CA PHE B 175 5.74 21.99 -15.80
C PHE B 175 5.22 23.30 -16.36
N ILE B 176 5.06 23.35 -17.68
CA ILE B 176 4.35 24.43 -18.35
C ILE B 176 3.12 23.80 -19.01
N PRO B 177 1.96 23.81 -18.35
CA PRO B 177 0.84 22.98 -18.84
C PRO B 177 0.46 23.24 -20.30
N ARG B 178 0.43 24.49 -20.73
CA ARG B 178 -0.03 24.79 -22.08
C ARG B 178 0.98 24.42 -23.16
N LEU B 179 2.21 24.06 -22.79
CA LEU B 179 3.22 23.69 -23.78
C LEU B 179 3.44 22.19 -23.87
N GLY B 180 3.30 21.44 -22.79
CA GLY B 180 3.37 20.00 -22.88
C GLY B 180 3.89 19.38 -21.58
N SER B 181 4.74 18.39 -21.75
CA SER B 181 5.08 17.45 -20.69
C SER B 181 5.78 18.12 -19.51
N GLN B 182 5.48 17.63 -18.32
CA GLN B 182 6.24 17.94 -17.13
C GLN B 182 7.41 16.96 -16.98
N ILE B 183 8.35 17.30 -16.10
CA ILE B 183 9.48 16.42 -15.82
C ILE B 183 9.95 16.69 -14.40
N TYR B 184 10.27 15.62 -13.68
CA TYR B 184 10.73 15.75 -12.30
C TYR B 184 12.10 16.40 -12.24
N ALA B 185 12.33 17.17 -11.17
CA ALA B 185 13.61 17.80 -10.90
C ALA B 185 14.17 17.20 -9.62
N MET B 186 15.29 16.50 -9.73
CA MET B 186 15.91 15.80 -8.61
C MET B 186 17.30 16.37 -8.34
N ALA B 187 17.63 16.53 -7.07
CA ALA B 187 18.95 17.02 -6.70
C ALA B 187 20.04 16.04 -7.15
N GLY B 188 21.17 16.58 -7.60
CA GLY B 188 22.26 15.77 -8.07
C GLY B 188 21.96 14.96 -9.31
N MET B 189 20.87 15.26 -10.01
CA MET B 189 20.44 14.51 -11.17
C MET B 189 20.02 15.50 -12.25
N GLN B 190 20.23 15.12 -13.50
CA GLN B 190 19.82 15.94 -14.64
C GLN B 190 18.72 15.21 -15.40
N THR B 191 17.57 15.85 -15.53
CA THR B 191 16.52 15.41 -16.42
C THR B 191 16.42 16.37 -17.60
N ARG B 192 16.00 15.84 -18.74
CA ARG B 192 15.99 16.59 -19.99
C ARG B 192 14.55 16.66 -20.50
N LEU B 193 14.15 17.85 -20.94
CA LEU B 193 12.82 18.08 -21.49
C LEU B 193 12.95 18.97 -22.72
N HIS B 194 12.25 18.60 -23.79
CA HIS B 194 12.21 19.39 -25.02
C HIS B 194 10.80 19.89 -25.24
N LEU B 195 10.64 21.20 -25.36
CA LEU B 195 9.35 21.81 -25.65
C LEU B 195 9.53 22.82 -26.78
N ILE B 196 8.39 23.23 -27.35
CA ILE B 196 8.36 24.24 -28.40
C ILE B 196 7.01 24.92 -28.35
N ALA B 197 7.01 26.24 -28.53
CA ALA B 197 5.79 27.04 -28.56
C ALA B 197 5.40 27.29 -30.00
N ASN B 198 4.17 26.89 -30.36
CA ASN B 198 3.68 27.13 -31.71
C ASN B 198 3.27 28.58 -31.93
N GLU B 199 2.88 29.29 -30.87
CA GLU B 199 2.47 30.67 -30.96
C GLU B 199 3.15 31.49 -29.89
N PRO B 200 3.39 32.78 -30.14
CA PRO B 200 3.92 33.64 -29.08
C PRO B 200 2.89 33.89 -28.00
N GLY B 201 3.38 34.13 -26.80
CA GLY B 201 2.50 34.37 -25.68
C GLY B 201 3.23 34.16 -24.37
N THR B 202 2.50 34.43 -23.29
CA THR B 202 2.98 34.21 -21.94
C THR B 202 2.25 33.01 -21.36
N TYR B 203 3.00 31.99 -20.99
CA TYR B 203 2.43 30.72 -20.53
C TYR B 203 2.79 30.51 -19.07
N ASP B 204 1.80 30.08 -18.29
CA ASP B 204 1.99 29.88 -16.87
C ASP B 204 2.84 28.65 -16.61
N GLY B 205 3.80 28.78 -15.70
CA GLY B 205 4.64 27.66 -15.29
C GLY B 205 4.48 27.42 -13.80
N ILE B 206 4.65 26.16 -13.40
CA ILE B 206 4.46 25.76 -12.01
C ILE B 206 5.47 24.67 -11.65
N SER B 207 5.48 24.33 -10.38
CA SER B 207 6.01 23.05 -9.90
C SER B 207 4.83 22.12 -9.69
N ALA B 208 4.90 20.92 -10.26
CA ALA B 208 3.83 19.95 -10.16
C ALA B 208 4.15 18.85 -9.14
N SER B 209 5.17 19.04 -8.31
CA SER B 209 5.51 18.07 -7.27
C SER B 209 5.73 18.83 -5.97
N TYR B 210 4.84 18.60 -5.01
CA TYR B 210 4.85 19.37 -3.77
C TYR B 210 6.22 19.31 -3.11
N SER B 211 6.75 20.49 -2.75
CA SER B 211 8.13 20.61 -2.30
C SER B 211 8.28 21.33 -0.97
N GLY B 212 7.18 21.63 -0.28
CA GLY B 212 7.27 22.26 1.02
C GLY B 212 6.36 23.46 1.15
N PRO B 213 6.52 24.21 2.24
CA PRO B 213 5.57 25.30 2.53
C PRO B 213 5.48 26.36 1.45
N GLY B 214 6.57 26.65 0.73
CA GLY B 214 6.52 27.62 -0.33
C GLY B 214 6.06 27.10 -1.67
N PHE B 215 5.52 25.88 -1.71
CA PHE B 215 5.20 25.23 -2.97
C PHE B 215 4.16 26.04 -3.76
N SER B 216 3.15 26.57 -3.07
CA SER B 216 2.07 27.27 -3.78
C SER B 216 2.59 28.42 -4.62
N GLY B 217 3.67 29.06 -4.20
CA GLY B 217 4.23 30.20 -4.89
C GLY B 217 5.28 29.89 -5.94
N MET B 218 5.49 28.62 -6.28
CA MET B 218 6.55 28.24 -7.23
C MET B 218 6.06 28.39 -8.67
N LYS B 219 5.61 29.60 -8.98
CA LYS B 219 5.11 29.93 -10.31
C LYS B 219 6.15 30.72 -11.08
N PHE B 220 6.17 30.51 -12.39
CA PHE B 220 7.02 31.28 -13.28
C PHE B 220 6.25 31.53 -14.57
N LYS B 221 6.79 32.41 -15.41
CA LYS B 221 6.19 32.73 -16.70
C LYS B 221 7.15 32.33 -17.81
N ALA B 222 6.62 31.65 -18.82
CA ALA B 222 7.35 31.31 -20.03
C ALA B 222 6.84 32.21 -21.14
N ILE B 223 7.67 33.16 -21.56
CA ILE B 223 7.30 34.14 -22.57
C ILE B 223 7.84 33.65 -23.90
N ALA B 224 6.94 33.30 -24.81
CA ALA B 224 7.31 32.93 -26.18
C ALA B 224 7.23 34.20 -27.03
N THR B 225 8.37 34.67 -27.51
CA THR B 225 8.42 35.93 -28.23
C THR B 225 8.00 35.75 -29.69
N PRO B 226 7.48 36.81 -30.31
CA PRO B 226 7.09 36.68 -31.73
C PRO B 226 8.24 36.29 -32.64
N ASP B 227 9.45 36.78 -32.38
CA ASP B 227 10.60 36.48 -33.22
C ASP B 227 11.87 36.56 -32.38
N ARG B 228 13.01 36.28 -33.03
CA ARG B 228 14.28 36.28 -32.33
C ARG B 228 14.73 37.67 -31.91
N ALA B 229 14.23 38.72 -32.57
CA ALA B 229 14.57 40.08 -32.16
C ALA B 229 14.05 40.38 -30.77
N ALA B 230 12.80 39.99 -30.48
CA ALA B 230 12.23 40.25 -29.16
C ALA B 230 12.96 39.44 -28.09
N PHE B 231 13.32 38.19 -28.40
CA PHE B 231 14.08 37.41 -27.44
C PHE B 231 15.45 38.04 -27.18
N ASP B 232 16.07 38.58 -28.23
CA ASP B 232 17.35 39.25 -28.07
C ASP B 232 17.21 40.51 -27.22
N GLN B 233 16.12 41.24 -27.39
CA GLN B 233 15.87 42.40 -26.54
C GLN B 233 15.70 41.97 -25.08
N TRP B 234 14.97 40.87 -24.85
CA TRP B 234 14.83 40.36 -23.49
C TRP B 234 16.18 39.97 -22.90
N VAL B 235 17.01 39.30 -23.70
CA VAL B 235 18.35 38.92 -23.23
C VAL B 235 19.15 40.16 -22.89
N ALA B 236 19.09 41.19 -23.74
CA ALA B 236 19.84 42.42 -23.48
C ALA B 236 19.34 43.11 -22.22
N LYS B 237 18.03 43.11 -22.01
CA LYS B 237 17.48 43.68 -20.79
C LYS B 237 17.97 42.94 -19.56
N ALA B 238 18.07 41.61 -19.66
CA ALA B 238 18.66 40.83 -18.57
C ALA B 238 20.14 41.15 -18.40
N LYS B 239 20.84 41.45 -19.49
CA LYS B 239 22.28 41.69 -19.42
C LYS B 239 22.62 43.00 -18.71
N GLN B 240 21.70 43.95 -18.65
CA GLN B 240 21.92 45.19 -17.93
C GLN B 240 21.58 45.07 -16.45
N SER B 241 21.43 43.87 -15.93
CA SER B 241 21.15 43.68 -14.51
C SER B 241 22.38 44.08 -13.70
N PRO B 242 22.22 44.87 -12.63
CA PRO B 242 23.38 45.15 -11.78
C PRO B 242 23.92 43.93 -11.04
N ASN B 243 23.12 42.87 -10.92
CA ASN B 243 23.49 41.70 -10.14
C ASN B 243 24.09 40.63 -11.03
N THR B 244 24.95 39.80 -10.45
CA THR B 244 25.63 38.75 -11.18
C THR B 244 25.54 37.45 -10.40
N MET B 245 25.74 36.35 -11.12
CA MET B 245 25.75 35.00 -10.58
C MET B 245 27.05 34.31 -10.96
N SER B 246 28.16 34.99 -10.70
CA SER B 246 29.47 34.59 -11.16
C SER B 246 30.22 33.71 -10.16
N ASP B 247 29.59 33.33 -9.06
CA ASP B 247 30.25 32.50 -8.05
C ASP B 247 29.21 31.66 -7.34
N MET B 248 29.67 30.54 -6.79
CA MET B 248 28.76 29.66 -6.04
C MET B 248 28.26 30.33 -4.78
N ALA B 249 29.00 31.29 -4.24
CA ALA B 249 28.52 32.02 -3.07
C ALA B 249 27.27 32.84 -3.40
N ALA B 250 27.25 33.47 -4.57
CA ALA B 250 26.06 34.19 -4.99
C ALA B 250 24.88 33.25 -5.19
N PHE B 251 25.14 32.07 -5.76
CA PHE B 251 24.08 31.07 -5.89
C PHE B 251 23.54 30.67 -4.54
N GLU B 252 24.43 30.45 -3.57
CA GLU B 252 23.98 30.05 -2.23
C GLU B 252 23.16 31.15 -1.58
N LYS B 253 23.56 32.41 -1.77
CA LYS B 253 22.78 33.53 -1.25
C LYS B 253 21.38 33.52 -1.86
N LEU B 254 21.30 33.33 -3.18
CA LEU B 254 19.99 33.26 -3.82
C LEU B 254 19.18 32.08 -3.33
N ALA B 255 19.85 30.99 -2.97
CA ALA B 255 19.18 29.74 -2.63
C ALA B 255 18.68 29.70 -1.18
N ALA B 256 18.96 30.72 -0.38
CA ALA B 256 18.38 30.77 0.95
C ALA B 256 16.86 30.71 0.83
N PRO B 257 16.18 29.97 1.70
CA PRO B 257 14.73 29.78 1.54
C PRO B 257 14.00 31.11 1.40
N SER B 258 13.11 31.17 0.40
CA SER B 258 12.27 32.33 0.18
C SER B 258 11.04 31.86 -0.59
N GLU B 259 10.00 32.67 -0.55
CA GLU B 259 8.72 32.33 -1.15
C GLU B 259 8.26 33.47 -2.04
N TYR B 260 7.45 33.14 -3.03
CA TYR B 260 6.79 34.12 -3.87
C TYR B 260 7.81 35.10 -4.45
N ASN B 261 8.90 34.54 -4.93
CA ASN B 261 10.00 35.34 -5.46
C ASN B 261 9.56 36.14 -6.68
N GLN B 262 9.91 37.41 -6.72
CA GLN B 262 9.66 38.23 -7.89
C GLN B 262 10.67 37.89 -8.98
N VAL B 263 10.34 38.30 -10.21
CA VAL B 263 11.23 38.07 -11.33
C VAL B 263 12.51 38.88 -11.13
N GLU B 264 13.66 38.21 -11.28
CA GLU B 264 14.96 38.86 -11.18
C GLU B 264 15.82 38.40 -12.34
N TYR B 265 16.80 39.23 -12.69
CA TYR B 265 17.72 38.94 -13.78
C TYR B 265 19.15 39.01 -13.27
N PHE B 266 20.00 38.13 -13.79
CA PHE B 266 21.41 38.11 -13.45
C PHE B 266 22.23 38.13 -14.73
N SER B 267 23.33 38.86 -14.71
CA SER B 267 24.26 38.94 -15.82
C SER B 267 25.60 38.34 -15.39
N ASN B 268 26.36 37.88 -16.37
CA ASN B 268 27.67 37.26 -16.11
C ASN B 268 27.53 36.04 -15.22
N VAL B 269 26.61 35.15 -15.59
CA VAL B 269 26.44 33.91 -14.83
C VAL B 269 27.72 33.08 -14.96
N LYS B 270 28.11 32.45 -13.87
CA LYS B 270 29.30 31.62 -13.87
C LYS B 270 29.15 30.50 -14.90
N PRO B 271 30.14 30.27 -15.75
CA PRO B 271 30.06 29.13 -16.68
C PRO B 271 29.98 27.82 -15.92
N ASP B 272 29.25 26.86 -16.49
CA ASP B 272 29.11 25.54 -15.91
C ASP B 272 28.44 25.59 -14.54
N LEU B 273 27.62 26.62 -14.30
CA LEU B 273 26.94 26.74 -13.02
C LEU B 273 26.00 25.56 -12.79
N PHE B 274 25.29 25.12 -13.83
CA PHE B 274 24.42 23.96 -13.71
C PHE B 274 25.22 22.73 -13.28
N ALA B 275 26.38 22.53 -13.91
CA ALA B 275 27.24 21.41 -13.55
C ALA B 275 27.69 21.52 -12.09
N ASP B 276 28.02 22.72 -11.63
CA ASP B 276 28.43 22.88 -10.24
C ASP B 276 27.29 22.57 -9.28
N VAL B 277 26.07 23.01 -9.60
CA VAL B 277 24.94 22.69 -8.75
C VAL B 277 24.76 21.19 -8.66
N ILE B 278 24.82 20.51 -9.79
CA ILE B 278 24.67 19.06 -9.78
C ILE B 278 25.79 18.40 -8.99
N ASN B 279 27.04 18.86 -9.19
CA ASN B 279 28.19 18.27 -8.54
C ASN B 279 28.20 18.51 -7.04
N LYS B 280 27.45 19.50 -6.56
CA LYS B 280 27.34 19.70 -5.13
C LYS B 280 26.85 18.45 -4.42
N PHE B 281 26.02 17.65 -5.07
CA PHE B 281 25.45 16.45 -4.48
C PHE B 281 26.17 15.17 -4.90
N MET B 282 27.00 15.23 -5.93
CA MET B 282 27.87 14.13 -6.33
C MET B 282 29.29 14.55 -5.97
N ALA B 283 29.68 14.30 -4.73
CA ALA B 283 31.00 14.69 -4.24
C ALA B 283 32.07 13.80 -4.85
N ALA C 21 -4.51 -28.76 14.91
CA ALA C 21 -4.27 -27.33 14.74
C ALA C 21 -2.78 -27.06 14.54
N GLY C 22 -1.94 -28.05 14.86
CA GLY C 22 -0.51 -27.89 14.64
C GLY C 22 -0.16 -27.69 13.18
N GLY C 23 -0.75 -28.50 12.30
CA GLY C 23 -0.49 -28.35 10.88
C GLY C 23 -0.90 -26.99 10.36
N THR C 24 -2.03 -26.46 10.84
CA THR C 24 -2.46 -25.13 10.45
C THR C 24 -1.45 -24.07 10.89
N LYS C 25 -0.93 -24.19 12.11
CA LYS C 25 0.05 -23.22 12.59
C LYS C 25 1.34 -23.30 11.79
N ILE C 26 1.79 -24.52 11.46
CA ILE C 26 3.03 -24.66 10.71
C ILE C 26 2.86 -24.09 9.30
N PHE C 27 1.71 -24.33 8.67
CA PHE C 27 1.46 -23.74 7.37
C PHE C 27 1.39 -22.22 7.45
N GLY C 28 0.72 -21.69 8.47
CA GLY C 28 0.67 -20.24 8.63
C GLY C 28 2.05 -19.65 8.82
N PHE C 29 2.92 -20.32 9.57
CA PHE C 29 4.27 -19.84 9.74
C PHE C 29 5.04 -19.91 8.43
N TRP C 30 4.80 -20.92 7.60
CA TRP C 30 5.40 -20.97 6.27
C TRP C 30 4.97 -19.77 5.43
N ILE C 31 3.69 -19.39 5.50
CA ILE C 31 3.23 -18.21 4.78
C ILE C 31 3.92 -16.95 5.31
N TYR C 32 4.02 -16.83 6.63
CA TYR C 32 4.73 -15.70 7.21
C TYR C 32 6.17 -15.66 6.71
N LEU C 33 6.79 -16.83 6.57
CA LEU C 33 8.16 -16.88 6.08
C LEU C 33 8.24 -16.45 4.62
N MET C 34 7.21 -16.74 3.82
CA MET C 34 7.18 -16.20 2.47
C MET C 34 7.17 -14.66 2.49
N SER C 35 6.38 -14.09 3.39
CA SER C 35 6.39 -12.63 3.52
C SER C 35 7.78 -12.12 3.95
N ASP C 36 8.43 -12.85 4.87
CA ASP C 36 9.78 -12.50 5.27
C ASP C 36 10.75 -12.60 4.11
N CYS C 37 10.55 -13.57 3.23
CA CYS C 37 11.38 -13.69 2.03
C CYS C 37 11.24 -12.45 1.17
N ILE C 38 10.01 -11.96 1.00
CA ILE C 38 9.83 -10.73 0.20
C ILE C 38 10.50 -9.55 0.88
N LEU C 39 10.43 -9.48 2.22
CA LEU C 39 11.17 -8.46 2.96
C LEU C 39 12.66 -8.49 2.61
N PHE C 40 13.26 -9.67 2.73
CA PHE C 40 14.68 -9.79 2.41
C PHE C 40 14.96 -9.45 0.95
N SER C 41 14.03 -9.78 0.05
CA SER C 41 14.23 -9.46 -1.36
C SER C 41 14.29 -7.95 -1.56
N ILE C 42 13.44 -7.20 -0.86
CA ILE C 42 13.50 -5.75 -0.97
C ILE C 42 14.85 -5.25 -0.47
N LEU C 43 15.35 -5.82 0.63
CA LEU C 43 16.67 -5.44 1.09
C LEU C 43 17.75 -5.75 0.05
N PHE C 44 17.64 -6.91 -0.60
CA PHE C 44 18.61 -7.29 -1.64
C PHE C 44 18.56 -6.33 -2.82
N ALA C 45 17.36 -5.93 -3.22
CA ALA C 45 17.24 -4.97 -4.32
C ALA C 45 17.85 -3.63 -3.95
N THR C 46 17.61 -3.17 -2.71
CA THR C 46 18.24 -1.94 -2.26
C THR C 46 19.75 -2.05 -2.29
N TYR C 47 20.29 -3.19 -1.84
CA TYR C 47 21.74 -3.37 -1.88
C TYR C 47 22.27 -3.35 -3.30
N ALA C 48 21.57 -4.03 -4.22
CA ALA C 48 22.00 -4.03 -5.61
C ALA C 48 22.00 -2.62 -6.18
N VAL C 49 21.01 -1.81 -5.81
CA VAL C 49 20.94 -0.45 -6.34
C VAL C 49 22.04 0.42 -5.74
N LEU C 50 22.34 0.25 -4.46
CA LEU C 50 23.25 1.14 -3.75
C LEU C 50 24.66 0.60 -3.59
N VAL C 51 24.97 -0.56 -4.18
CA VAL C 51 26.26 -1.19 -3.92
C VAL C 51 27.41 -0.28 -4.34
N ASN C 52 27.24 0.45 -5.44
CA ASN C 52 28.29 1.32 -5.96
C ASN C 52 28.22 2.73 -5.40
N GLY C 53 27.27 3.03 -4.52
CA GLY C 53 27.20 4.34 -3.91
C GLY C 53 28.17 4.47 -2.75
N THR C 54 29.46 4.21 -3.03
CA THR C 54 30.47 4.17 -1.98
C THR C 54 30.94 5.56 -1.57
N ALA C 55 30.65 6.58 -2.37
CA ALA C 55 30.88 7.98 -1.98
C ALA C 55 32.33 8.23 -1.57
N GLY C 56 33.25 7.66 -2.35
CA GLY C 56 34.66 7.84 -2.08
C GLY C 56 35.19 7.09 -0.88
N GLY C 57 34.35 6.32 -0.19
CA GLY C 57 34.77 5.52 0.93
C GLY C 57 35.10 4.11 0.51
N PRO C 58 35.11 3.18 1.46
CA PRO C 58 35.44 1.79 1.13
C PRO C 58 34.43 1.15 0.20
N THR C 59 34.93 0.28 -0.66
CA THR C 59 34.09 -0.62 -1.45
C THR C 59 34.02 -1.97 -0.75
N GLY C 60 33.21 -2.87 -1.29
CA GLY C 60 33.13 -4.21 -0.74
C GLY C 60 34.46 -4.91 -0.75
N LYS C 61 35.23 -4.73 -1.83
CA LYS C 61 36.54 -5.38 -1.93
C LYS C 61 37.52 -4.90 -0.87
N ASP C 62 37.32 -3.72 -0.31
CA ASP C 62 38.24 -3.17 0.67
C ASP C 62 37.92 -3.57 2.10
N ILE C 63 36.77 -4.18 2.35
CA ILE C 63 36.37 -4.52 3.71
C ILE C 63 35.91 -5.96 3.86
N PHE C 64 35.55 -6.66 2.79
CA PHE C 64 35.05 -8.02 2.90
C PHE C 64 36.23 -8.97 3.06
N GLU C 65 36.40 -9.53 4.26
CA GLU C 65 37.44 -10.51 4.54
C GLU C 65 36.84 -11.90 4.37
N LEU C 66 37.14 -12.53 3.26
CA LEU C 66 36.45 -13.77 2.89
C LEU C 66 36.63 -14.91 3.89
N PRO C 67 37.82 -15.17 4.45
CA PRO C 67 37.92 -16.24 5.45
C PRO C 67 36.99 -16.07 6.64
N PHE C 68 36.83 -14.83 7.10
CA PHE C 68 35.87 -14.53 8.16
C PHE C 68 34.45 -14.92 7.75
N VAL C 69 34.06 -14.55 6.53
CA VAL C 69 32.72 -14.87 6.04
C VAL C 69 32.56 -16.37 5.90
N LEU C 70 33.62 -17.06 5.50
CA LEU C 70 33.54 -18.51 5.38
C LEU C 70 33.32 -19.16 6.73
N VAL C 71 34.03 -18.68 7.76
CA VAL C 71 33.83 -19.23 9.10
C VAL C 71 32.40 -18.98 9.56
N GLU C 72 31.88 -17.77 9.30
CA GLU C 72 30.50 -17.47 9.67
C GLU C 72 29.53 -18.39 8.94
N THR C 73 29.75 -18.59 7.64
CA THR C 73 28.89 -19.46 6.86
C THR C 73 28.89 -20.88 7.41
N PHE C 74 30.07 -21.39 7.76
CA PHE C 74 30.15 -22.73 8.31
C PHE C 74 29.44 -22.81 9.66
N LEU C 75 29.55 -21.77 10.48
CA LEU C 75 28.85 -21.78 11.76
C LEU C 75 27.34 -21.88 11.54
N LEU C 76 26.82 -21.09 10.60
CA LEU C 76 25.39 -21.12 10.36
C LEU C 76 24.94 -22.45 9.77
N LEU C 77 25.75 -23.03 8.86
CA LEU C 77 25.42 -24.34 8.30
C LEU C 77 25.44 -25.43 9.37
N PHE C 78 26.44 -25.41 10.25
CA PHE C 78 26.48 -26.36 11.34
C PHE C 78 25.25 -26.21 12.23
N SER C 79 24.83 -24.97 12.48
CA SER C 79 23.63 -24.76 13.30
C SER C 79 22.41 -25.35 12.62
N SER C 80 22.30 -25.19 11.30
CA SER C 80 21.17 -25.78 10.58
C SER C 80 21.18 -27.30 10.71
N ILE C 81 22.35 -27.93 10.55
CA ILE C 81 22.41 -29.38 10.64
C ILE C 81 22.07 -29.84 12.05
N THR C 82 22.55 -29.11 13.07
CA THR C 82 22.25 -29.50 14.44
C THR C 82 20.77 -29.34 14.75
N TYR C 83 20.11 -28.34 14.17
CA TYR C 83 18.67 -28.26 14.35
C TYR C 83 17.97 -29.42 13.68
N GLY C 84 18.46 -29.84 12.51
CA GLY C 84 17.93 -31.06 11.91
C GLY C 84 18.07 -32.25 12.84
N MET C 85 19.21 -32.35 13.52
CA MET C 85 19.40 -33.42 14.49
C MET C 85 18.39 -33.31 15.63
N ALA C 86 18.14 -32.09 16.10
CA ALA C 86 17.16 -31.89 17.15
C ALA C 86 15.77 -32.33 16.71
N ALA C 87 15.39 -32.01 15.47
CA ALA C 87 14.10 -32.43 14.96
C ALA C 87 14.01 -33.94 14.86
N ILE C 88 15.08 -34.58 14.39
CA ILE C 88 15.11 -36.04 14.34
C ILE C 88 14.90 -36.62 15.74
N ALA C 89 15.63 -36.09 16.71
CA ALA C 89 15.47 -36.53 18.09
C ALA C 89 14.04 -36.35 18.57
N MET C 90 13.41 -35.24 18.17
CA MET C 90 12.02 -35.00 18.56
C MET C 90 11.11 -36.08 18.00
N TYR C 91 11.32 -36.48 16.74
CA TYR C 91 10.50 -37.53 16.17
C TYR C 91 10.83 -38.91 16.74
N LYS C 92 11.96 -39.06 17.43
CA LYS C 92 12.25 -40.27 18.20
C LYS C 92 11.79 -40.16 19.64
N ASN C 93 11.14 -39.06 20.02
CA ASN C 93 10.58 -38.88 21.36
C ASN C 93 11.66 -38.92 22.43
N ASN C 94 12.81 -38.32 22.14
CA ASN C 94 13.94 -38.29 23.06
C ASN C 94 14.15 -36.85 23.50
N LYS C 95 13.63 -36.51 24.68
CA LYS C 95 13.69 -35.15 25.18
C LYS C 95 15.12 -34.68 25.38
N SER C 96 15.96 -35.52 25.98
CA SER C 96 17.31 -35.11 26.31
C SER C 96 18.13 -34.79 25.06
N GLN C 97 18.04 -35.65 24.05
CA GLN C 97 18.76 -35.38 22.81
C GLN C 97 18.25 -34.13 22.11
N VAL C 98 16.93 -33.91 22.17
CA VAL C 98 16.37 -32.68 21.61
C VAL C 98 17.01 -31.47 22.27
N ILE C 99 17.07 -31.47 23.61
CA ILE C 99 17.63 -30.32 24.31
C ILE C 99 19.11 -30.16 23.98
N SER C 100 19.86 -31.25 23.96
CA SER C 100 21.30 -31.16 23.70
C SER C 100 21.57 -30.61 22.31
N TRP C 101 20.86 -31.11 21.30
CA TRP C 101 21.05 -30.60 19.95
C TRP C 101 20.62 -29.15 19.85
N LEU C 102 19.55 -28.78 20.55
CA LEU C 102 19.13 -27.38 20.55
C LEU C 102 20.21 -26.49 21.18
N ALA C 103 20.85 -26.96 22.24
CA ALA C 103 21.91 -26.20 22.87
C ALA C 103 23.09 -26.01 21.91
N LEU C 104 23.47 -27.08 21.20
CA LEU C 104 24.56 -26.95 20.24
C LEU C 104 24.19 -26.00 19.10
N THR C 105 22.95 -26.07 18.63
CA THR C 105 22.48 -25.14 17.61
C THR C 105 22.53 -23.71 18.13
N TRP C 106 22.11 -23.51 19.37
CA TRP C 106 22.15 -22.18 19.97
C TRP C 106 23.57 -21.66 20.03
N LEU C 107 24.52 -22.52 20.40
CA LEU C 107 25.91 -22.08 20.47
C LEU C 107 26.44 -21.70 19.10
N PHE C 108 26.12 -22.49 18.06
CA PHE C 108 26.59 -22.15 16.72
C PHE C 108 25.98 -20.84 16.23
N GLY C 109 24.68 -20.65 16.46
CA GLY C 109 24.05 -19.39 16.08
C GLY C 109 24.61 -18.21 16.86
N ALA C 110 24.89 -18.42 18.15
CA ALA C 110 25.49 -17.36 18.95
C ALA C 110 26.88 -17.01 18.43
N GLY C 111 27.64 -18.01 17.98
CA GLY C 111 28.93 -17.73 17.38
C GLY C 111 28.80 -16.93 16.10
N PHE C 112 27.84 -17.29 15.25
CA PHE C 112 27.59 -16.50 14.04
C PHE C 112 27.27 -15.05 14.41
N ILE C 113 26.39 -14.86 15.39
CA ILE C 113 26.01 -13.52 15.80
C ILE C 113 27.21 -12.77 16.36
N GLY C 114 28.04 -13.45 17.15
CA GLY C 114 29.21 -12.80 17.72
C GLY C 114 30.19 -12.35 16.65
N MET C 115 30.43 -13.20 15.65
CA MET C 115 31.29 -12.80 14.54
C MET C 115 30.71 -11.60 13.80
N GLU C 116 29.41 -11.61 13.56
CA GLU C 116 28.78 -10.50 12.85
C GLU C 116 28.87 -9.21 13.66
N ILE C 117 28.63 -9.29 14.97
CA ILE C 117 28.73 -8.11 15.82
C ILE C 117 30.15 -7.59 15.84
N TYR C 118 31.13 -8.50 15.89
CA TYR C 118 32.53 -8.08 15.85
C TYR C 118 32.85 -7.35 14.56
N GLU C 119 32.39 -7.90 13.42
CA GLU C 119 32.61 -7.24 12.14
C GLU C 119 31.99 -5.84 12.12
N PHE C 120 30.75 -5.73 12.59
CA PHE C 120 30.08 -4.43 12.58
C PHE C 120 30.78 -3.45 13.50
N HIS C 121 31.22 -3.92 14.68
CA HIS C 121 31.95 -3.05 15.59
C HIS C 121 33.25 -2.56 14.97
N HIS C 122 33.97 -3.46 14.30
CA HIS C 122 35.20 -3.06 13.62
C HIS C 122 34.94 -2.01 12.56
N LEU C 123 33.89 -2.19 11.76
CA LEU C 123 33.56 -1.19 10.76
C LEU C 123 33.19 0.14 11.40
N ILE C 124 32.42 0.09 12.49
CA ILE C 124 31.92 1.33 13.11
C ILE C 124 33.07 2.12 13.73
N VAL C 125 33.93 1.45 14.49
CA VAL C 125 35.01 2.16 15.18
C VAL C 125 35.99 2.79 14.21
N ASN C 126 36.04 2.32 12.96
CA ASN C 126 36.93 2.86 11.94
C ASN C 126 36.22 3.82 11.00
N GLY C 127 35.14 4.45 11.44
CA GLY C 127 34.43 5.38 10.59
C GLY C 127 33.92 4.76 9.31
N MET C 128 33.49 3.50 9.37
CA MET C 128 33.04 2.78 8.20
C MET C 128 31.61 2.29 8.41
N GLY C 129 30.86 3.00 9.26
CA GLY C 129 29.53 2.61 9.62
C GLY C 129 28.51 2.99 8.55
N PRO C 130 27.25 2.68 8.83
CA PRO C 130 26.20 2.92 7.83
C PRO C 130 26.08 4.38 7.41
N ASP C 131 26.41 5.32 8.30
CA ASP C 131 26.31 6.73 7.98
C ASP C 131 27.39 7.19 7.00
N ARG C 132 28.36 6.34 6.67
CA ARG C 132 29.46 6.79 5.81
C ARG C 132 29.03 6.93 4.37
N SER C 133 28.24 5.99 3.84
CA SER C 133 27.88 6.01 2.43
C SER C 133 26.63 5.17 2.22
N GLY C 134 26.04 5.33 1.04
CA GLY C 134 24.88 4.52 0.68
C GLY C 134 25.19 3.05 0.62
N PHE C 135 26.38 2.70 0.09
CA PHE C 135 26.77 1.29 0.06
C PHE C 135 26.85 0.72 1.45
N LEU C 136 27.49 1.45 2.37
CA LEU C 136 27.61 0.95 3.74
C LEU C 136 26.25 0.90 4.42
N SER C 137 25.38 1.87 4.14
CA SER C 137 24.02 1.83 4.66
C SER C 137 23.32 0.56 4.21
N ALA C 138 23.39 0.23 2.91
CA ALA C 138 22.70 -0.95 2.40
C ALA C 138 23.31 -2.23 2.96
N PHE C 139 24.64 -2.28 3.05
CA PHE C 139 25.28 -3.45 3.62
C PHE C 139 24.85 -3.67 5.06
N PHE C 140 24.88 -2.62 5.87
CA PHE C 140 24.43 -2.74 7.24
C PHE C 140 22.97 -3.16 7.29
N ALA C 141 22.11 -2.55 6.47
CA ALA C 141 20.70 -2.92 6.49
C ALA C 141 20.52 -4.41 6.21
N LEU C 142 21.09 -4.90 5.12
CA LEU C 142 20.86 -6.30 4.73
C LEU C 142 21.47 -7.26 5.75
N VAL C 143 22.77 -7.13 6.01
CA VAL C 143 23.43 -8.10 6.89
C VAL C 143 22.87 -8.00 8.31
N GLY C 144 22.61 -6.78 8.78
CA GLY C 144 22.08 -6.62 10.13
C GLY C 144 20.64 -7.05 10.26
N THR C 145 19.86 -6.96 9.19
CA THR C 145 18.51 -7.52 9.24
C THR C 145 18.58 -9.05 9.34
N HIS C 146 19.49 -9.66 8.59
CA HIS C 146 19.69 -11.10 8.75
C HIS C 146 20.13 -11.43 10.17
N GLY C 147 21.05 -10.63 10.72
CA GLY C 147 21.50 -10.87 12.08
C GLY C 147 20.40 -10.69 13.11
N LEU C 148 19.53 -9.72 12.90
CA LEU C 148 18.38 -9.53 13.78
C LEU C 148 17.44 -10.73 13.72
N HIS C 149 17.23 -11.26 12.51
CA HIS C 149 16.45 -12.49 12.39
C HIS C 149 17.10 -13.63 13.14
N VAL C 150 18.43 -13.77 13.03
CA VAL C 150 19.12 -14.82 13.76
C VAL C 150 18.98 -14.64 15.26
N THR C 151 19.08 -13.39 15.73
CA THR C 151 18.94 -13.11 17.15
C THR C 151 17.54 -13.44 17.66
N SER C 152 16.52 -13.09 16.86
CA SER C 152 15.16 -13.47 17.21
C SER C 152 15.03 -14.99 17.26
N GLY C 153 15.62 -15.68 16.30
CA GLY C 153 15.62 -17.13 16.33
C GLY C 153 16.30 -17.69 17.57
N LEU C 154 17.36 -17.02 18.03
CA LEU C 154 18.07 -17.49 19.22
C LEU C 154 17.24 -17.27 20.48
N ILE C 155 16.58 -16.11 20.61
CA ILE C 155 15.71 -15.89 21.75
C ILE C 155 14.56 -16.90 21.73
N TRP C 156 13.99 -17.12 20.56
CA TRP C 156 12.94 -18.13 20.39
C TRP C 156 13.43 -19.50 20.80
N MET C 157 14.65 -19.87 20.37
CA MET C 157 15.20 -21.16 20.69
C MET C 157 15.41 -21.32 22.20
N ALA C 158 15.90 -20.27 22.85
CA ALA C 158 16.11 -20.34 24.30
C ALA C 158 14.78 -20.54 25.02
N VAL C 159 13.77 -19.76 24.64
CA VAL C 159 12.44 -19.92 25.24
C VAL C 159 11.94 -21.34 25.02
N LEU C 160 12.10 -21.85 23.80
CA LEU C 160 11.58 -23.18 23.49
C LEU C 160 12.33 -24.26 24.25
N MET C 161 13.64 -24.10 24.43
CA MET C 161 14.40 -25.06 25.24
C MET C 161 13.91 -25.07 26.67
N VAL C 162 13.68 -23.89 27.24
CA VAL C 162 13.18 -23.85 28.61
C VAL C 162 11.80 -24.50 28.70
N GLN C 163 10.93 -24.22 27.73
CA GLN C 163 9.60 -24.81 27.76
C GLN C 163 9.64 -26.32 27.60
N ILE C 164 10.49 -26.83 26.72
CA ILE C 164 10.62 -28.27 26.55
C ILE C 164 11.16 -28.91 27.81
N ALA C 165 12.11 -28.25 28.48
CA ALA C 165 12.63 -28.78 29.73
C ALA C 165 11.55 -28.78 30.82
N ARG C 166 10.68 -27.77 30.81
CA ARG C 166 9.66 -27.68 31.85
C ARG C 166 8.53 -28.68 31.64
N ARG C 167 8.18 -28.96 30.38
CA ARG C 167 7.01 -29.75 30.08
C ARG C 167 7.24 -30.84 29.05
N GLY C 168 8.47 -31.04 28.58
CA GLY C 168 8.74 -32.13 27.68
C GLY C 168 8.23 -31.86 26.27
N LEU C 169 8.06 -32.95 25.53
CA LEU C 169 7.71 -32.88 24.11
C LEU C 169 6.19 -33.02 23.95
N THR C 170 5.48 -32.02 24.44
CA THR C 170 4.05 -31.94 24.23
C THR C 170 3.75 -31.61 22.76
N SER C 171 2.47 -31.76 22.38
CA SER C 171 2.09 -31.41 21.02
C SER C 171 2.36 -29.94 20.74
N THR C 172 2.07 -29.07 21.72
CA THR C 172 2.40 -27.65 21.58
C THR C 172 3.88 -27.47 21.28
N ASN C 173 4.75 -28.11 22.07
CA ASN C 173 6.18 -27.94 21.88
C ASN C 173 6.66 -28.56 20.58
N ARG C 174 6.06 -29.67 20.14
CA ARG C 174 6.45 -30.25 18.87
C ARG C 174 6.10 -29.31 17.71
N THR C 175 4.91 -28.71 17.75
CA THR C 175 4.58 -27.72 16.73
C THR C 175 5.55 -26.55 16.76
N ARG C 176 5.91 -26.10 17.96
CA ARG C 176 6.86 -24.98 18.07
C ARG C 176 8.23 -25.35 17.53
N ILE C 177 8.68 -26.58 17.78
CA ILE C 177 9.95 -27.04 17.24
C ILE C 177 9.91 -27.04 15.73
N MET C 178 8.79 -27.48 15.15
CA MET C 178 8.68 -27.47 13.69
C MET C 178 8.69 -26.05 13.13
N CYS C 179 7.96 -25.13 13.78
CA CYS C 179 7.95 -23.74 13.30
C CYS C 179 9.35 -23.13 13.37
N LEU C 180 10.05 -23.35 14.48
CA LEU C 180 11.40 -22.83 14.60
C LEU C 180 12.35 -23.52 13.63
N SER C 181 12.10 -24.79 13.31
CA SER C 181 12.88 -25.46 12.27
C SER C 181 12.77 -24.71 10.95
N LEU C 182 11.53 -24.42 10.54
CA LEU C 182 11.32 -23.64 9.33
C LEU C 182 12.09 -22.34 9.40
N PHE C 183 11.95 -21.61 10.51
CA PHE C 183 12.60 -20.30 10.64
C PHE C 183 14.12 -20.40 10.52
N TRP C 184 14.72 -21.34 11.24
CA TRP C 184 16.18 -21.44 11.27
C TRP C 184 16.75 -21.87 9.92
N HIS C 185 16.16 -22.88 9.31
CA HIS C 185 16.63 -23.30 7.99
C HIS C 185 16.46 -22.17 6.98
N PHE C 186 15.35 -21.42 7.07
CA PHE C 186 15.16 -20.29 6.17
C PHE C 186 16.22 -19.23 6.39
N LEU C 187 16.63 -19.01 7.64
CA LEU C 187 17.68 -18.03 7.89
C LEU C 187 18.98 -18.46 7.23
N ASP C 188 19.31 -19.75 7.28
CA ASP C 188 20.52 -20.18 6.61
C ASP C 188 20.40 -20.05 5.08
N VAL C 189 19.21 -20.29 4.53
CA VAL C 189 19.02 -20.10 3.09
C VAL C 189 19.22 -18.65 2.70
N VAL C 190 18.64 -17.74 3.49
CA VAL C 190 18.86 -16.31 3.25
C VAL C 190 20.35 -16.00 3.35
N TRP C 191 21.05 -16.64 4.28
CA TRP C 191 22.48 -16.38 4.38
C TRP C 191 23.24 -16.87 3.17
N ILE C 192 22.81 -18.00 2.59
CA ILE C 192 23.43 -18.43 1.34
C ILE C 192 23.32 -17.33 0.31
N CYS C 193 22.10 -16.79 0.15
CA CYS C 193 21.92 -15.69 -0.78
C CYS C 193 22.79 -14.50 -0.41
N VAL C 194 22.87 -14.19 0.89
CA VAL C 194 23.59 -13.00 1.34
C VAL C 194 25.08 -13.14 1.03
N PHE C 195 25.69 -14.25 1.43
CA PHE C 195 27.12 -14.37 1.21
C PHE C 195 27.41 -14.37 -0.29
N THR C 196 26.61 -15.07 -1.08
CA THR C 196 26.83 -15.07 -2.53
C THR C 196 26.75 -13.66 -3.10
N VAL C 197 25.66 -12.94 -2.84
CA VAL C 197 25.41 -11.68 -3.52
C VAL C 197 26.31 -10.57 -2.97
N VAL C 198 26.50 -10.54 -1.66
CA VAL C 198 27.23 -9.46 -1.02
C VAL C 198 28.72 -9.78 -1.03
N TYR C 199 29.12 -10.83 -0.29
CA TYR C 199 30.54 -10.98 0.02
C TYR C 199 31.32 -11.51 -1.17
N LEU C 200 30.84 -12.59 -1.80
CA LEU C 200 31.59 -13.17 -2.92
C LEU C 200 31.63 -12.21 -4.10
N MET C 201 30.51 -11.54 -4.40
CA MET C 201 30.48 -10.64 -5.54
C MET C 201 31.26 -9.36 -5.26
N GLY C 202 31.26 -8.87 -4.02
CA GLY C 202 32.09 -7.72 -3.69
C GLY C 202 33.56 -8.05 -3.71
N ALA C 203 33.94 -9.23 -3.21
CA ALA C 203 35.35 -9.60 -3.14
C ALA C 203 35.93 -9.86 -4.52
N MET C 204 35.14 -10.44 -5.41
CA MET C 204 35.62 -10.75 -6.76
C MET C 204 36.00 -9.46 -7.47
N HIS D 12 9.03 -34.49 7.14
CA HIS D 12 9.91 -35.22 8.04
C HIS D 12 10.97 -35.98 7.25
N GLY D 13 12.23 -35.65 7.48
CA GLY D 13 13.34 -36.27 6.81
C GLY D 13 13.93 -37.41 7.61
N SER D 14 15.24 -37.59 7.46
CA SER D 14 15.98 -38.62 8.18
C SER D 14 17.40 -38.12 8.40
N VAL D 15 18.17 -38.89 9.16
CA VAL D 15 19.57 -38.53 9.36
C VAL D 15 20.33 -38.57 8.03
N LYS D 16 20.07 -39.59 7.22
CA LYS D 16 20.83 -39.76 5.98
C LYS D 16 20.65 -38.57 5.05
N THR D 17 19.41 -38.11 4.87
CA THR D 17 19.18 -36.98 3.98
C THR D 17 19.77 -35.71 4.56
N TYR D 18 19.72 -35.56 5.88
CA TYR D 18 20.34 -34.37 6.49
C TYR D 18 21.85 -34.36 6.25
N MET D 19 22.50 -35.51 6.40
CA MET D 19 23.94 -35.56 6.14
C MET D 19 24.24 -35.36 4.65
N THR D 20 23.39 -35.88 3.77
CA THR D 20 23.59 -35.63 2.35
C THR D 20 23.52 -34.14 2.04
N GLY D 21 22.50 -33.46 2.58
CA GLY D 21 22.41 -32.02 2.41
C GLY D 21 23.58 -31.30 3.03
N PHE D 22 24.07 -31.79 4.17
CA PHE D 22 25.22 -31.19 4.82
C PHE D 22 26.45 -31.25 3.92
N ILE D 23 26.75 -32.43 3.38
CA ILE D 23 27.92 -32.59 2.53
C ILE D 23 27.77 -31.75 1.26
N LEU D 24 26.60 -31.79 0.64
CA LEU D 24 26.39 -31.02 -0.57
C LEU D 24 26.53 -29.53 -0.32
N SER D 25 25.99 -29.05 0.80
CA SER D 25 26.15 -27.64 1.16
C SER D 25 27.61 -27.30 1.40
N ILE D 26 28.35 -28.20 2.05
CA ILE D 26 29.78 -27.95 2.28
C ILE D 26 30.51 -27.80 0.96
N ILE D 27 30.24 -28.68 0.01
CA ILE D 27 30.92 -28.62 -1.28
C ILE D 27 30.54 -27.35 -2.03
N LEU D 28 29.24 -27.07 -2.11
CA LEU D 28 28.72 -25.91 -2.83
C LEU D 28 29.05 -24.60 -2.15
N THR D 29 29.48 -24.63 -0.89
CA THR D 29 29.98 -23.43 -0.23
C THR D 29 31.48 -23.28 -0.39
N VAL D 30 32.24 -24.37 -0.27
CA VAL D 30 33.68 -24.29 -0.37
C VAL D 30 34.11 -23.87 -1.76
N ILE D 31 33.51 -24.48 -2.79
CA ILE D 31 33.97 -24.22 -4.16
C ILE D 31 33.85 -22.74 -4.52
N PRO D 32 32.71 -22.07 -4.33
CA PRO D 32 32.67 -20.63 -4.64
C PRO D 32 33.69 -19.81 -3.88
N PHE D 33 33.88 -20.10 -2.59
CA PHE D 33 34.82 -19.32 -1.80
C PHE D 33 36.24 -19.51 -2.32
N TRP D 34 36.60 -20.75 -2.65
CA TRP D 34 37.93 -21.00 -3.20
C TRP D 34 38.09 -20.34 -4.56
N MET D 35 37.05 -20.38 -5.39
CA MET D 35 37.13 -19.79 -6.72
C MET D 35 37.35 -18.28 -6.63
N VAL D 36 36.61 -17.61 -5.75
CA VAL D 36 36.75 -16.16 -5.61
C VAL D 36 38.08 -15.82 -4.95
N MET D 37 38.46 -16.55 -3.89
CA MET D 37 39.67 -16.23 -3.17
C MET D 37 40.90 -16.39 -4.04
N THR D 38 40.98 -17.49 -4.80
CA THR D 38 42.17 -17.85 -5.55
C THR D 38 42.13 -17.41 -7.01
N GLY D 39 41.08 -16.71 -7.44
CA GLY D 39 40.98 -16.31 -8.83
C GLY D 39 41.06 -17.49 -9.77
N ALA D 40 40.19 -18.48 -9.55
CA ALA D 40 40.30 -19.74 -10.29
C ALA D 40 40.16 -19.53 -11.79
N ALA D 41 39.20 -18.73 -12.22
CA ALA D 41 38.90 -18.58 -13.63
C ALA D 41 38.61 -17.11 -13.92
N SER D 42 38.08 -16.85 -15.12
CA SER D 42 37.75 -15.50 -15.52
C SER D 42 36.58 -14.97 -14.69
N PRO D 43 36.44 -13.64 -14.60
CA PRO D 43 35.35 -13.09 -13.77
C PRO D 43 33.97 -13.59 -14.17
N ALA D 44 33.71 -13.73 -15.48
CA ALA D 44 32.42 -14.24 -15.90
C ALA D 44 32.21 -15.68 -15.46
N VAL D 45 33.23 -16.52 -15.62
CA VAL D 45 33.12 -17.92 -15.21
C VAL D 45 32.92 -18.01 -13.70
N ILE D 46 33.68 -17.21 -12.94
CA ILE D 46 33.53 -17.22 -11.48
C ILE D 46 32.12 -16.80 -11.10
N LEU D 47 31.61 -15.73 -11.72
CA LEU D 47 30.29 -15.23 -11.37
C LEU D 47 29.22 -16.26 -11.67
N GLY D 48 29.26 -16.85 -12.88
CA GLY D 48 28.29 -17.86 -13.23
C GLY D 48 28.35 -19.06 -12.29
N THR D 49 29.57 -19.50 -11.96
CA THR D 49 29.70 -20.65 -11.07
C THR D 49 29.13 -20.36 -9.69
N ILE D 50 29.47 -19.20 -9.10
CA ILE D 50 29.01 -18.93 -7.75
C ILE D 50 27.50 -18.75 -7.73
N LEU D 51 26.93 -18.08 -8.73
CA LEU D 51 25.48 -17.91 -8.76
C LEU D 51 24.77 -19.26 -8.94
N ALA D 52 25.26 -20.09 -9.86
CA ALA D 52 24.64 -21.38 -10.08
C ALA D 52 24.73 -22.25 -8.84
N MET D 53 25.89 -22.28 -8.19
CA MET D 53 26.05 -23.09 -7.00
C MET D 53 25.23 -22.56 -5.84
N ALA D 54 25.07 -21.24 -5.74
CA ALA D 54 24.19 -20.69 -4.72
C ALA D 54 22.75 -21.15 -4.94
N VAL D 55 22.28 -21.11 -6.19
CA VAL D 55 20.92 -21.56 -6.48
C VAL D 55 20.78 -23.05 -6.15
N VAL D 56 21.77 -23.85 -6.54
CA VAL D 56 21.70 -25.28 -6.27
C VAL D 56 21.72 -25.55 -4.77
N GLN D 57 22.53 -24.81 -4.02
CA GLN D 57 22.56 -25.00 -2.58
C GLN D 57 21.25 -24.59 -1.93
N VAL D 58 20.62 -23.53 -2.44
CA VAL D 58 19.31 -23.17 -1.93
C VAL D 58 18.32 -24.30 -2.17
N LEU D 59 18.36 -24.91 -3.37
CA LEU D 59 17.51 -26.06 -3.63
C LEU D 59 17.81 -27.22 -2.70
N VAL D 60 19.09 -27.47 -2.45
CA VAL D 60 19.49 -28.55 -1.55
C VAL D 60 18.92 -28.31 -0.16
N HIS D 61 18.99 -27.07 0.32
CA HIS D 61 18.42 -26.77 1.63
C HIS D 61 16.91 -26.91 1.62
N LEU D 62 16.25 -26.50 0.54
CA LEU D 62 14.80 -26.57 0.48
C LEU D 62 14.33 -28.03 0.49
N VAL D 63 15.12 -28.91 -0.13
CA VAL D 63 14.72 -30.32 -0.21
C VAL D 63 15.13 -31.08 1.04
N CYS D 64 16.41 -31.05 1.38
CA CYS D 64 16.93 -31.89 2.45
C CYS D 64 16.53 -31.36 3.83
N PHE D 65 16.61 -30.06 4.04
CA PHE D 65 16.40 -29.50 5.37
C PHE D 65 14.96 -29.08 5.60
N LEU D 66 14.33 -28.43 4.62
CA LEU D 66 12.95 -27.98 4.75
C LEU D 66 11.94 -29.00 4.24
N HIS D 67 12.40 -30.09 3.62
CA HIS D 67 11.51 -31.14 3.15
C HIS D 67 10.40 -30.58 2.27
N MET D 68 10.75 -29.65 1.39
CA MET D 68 9.81 -29.11 0.44
C MET D 68 9.33 -30.21 -0.49
N ASN D 69 8.02 -30.28 -0.71
CA ASN D 69 7.45 -31.28 -1.60
C ASN D 69 6.10 -30.77 -2.10
N THR D 70 5.60 -31.41 -3.14
CA THR D 70 4.37 -30.99 -3.81
C THR D 70 3.11 -31.52 -3.14
N LYS D 71 3.22 -32.24 -2.03
CA LYS D 71 2.08 -32.83 -1.37
C LYS D 71 1.75 -32.23 -0.02
N SER D 72 2.71 -31.59 0.65
CA SER D 72 2.44 -31.03 1.96
C SER D 72 1.41 -29.91 1.85
N ASP D 73 0.47 -29.88 2.81
CA ASP D 73 -0.54 -28.84 2.87
C ASP D 73 -1.36 -28.79 1.58
N GLU D 74 -1.69 -29.97 1.05
CA GLU D 74 -2.48 -30.09 -0.17
C GLU D 74 -1.78 -29.42 -1.35
N GLY D 75 -0.46 -29.36 -1.33
CA GLY D 75 0.31 -28.69 -2.36
C GLY D 75 0.43 -27.19 -2.18
N TRP D 76 -0.30 -26.61 -1.23
CA TRP D 76 -0.26 -25.16 -1.04
C TRP D 76 1.09 -24.69 -0.50
N ASN D 77 1.83 -25.55 0.18
CA ASN D 77 3.19 -25.19 0.61
C ASN D 77 4.05 -24.85 -0.60
N MET D 78 4.11 -25.77 -1.57
CA MET D 78 4.88 -25.52 -2.79
C MET D 78 4.29 -24.37 -3.59
N THR D 79 2.96 -24.29 -3.66
CA THR D 79 2.34 -23.20 -4.40
C THR D 79 2.75 -21.85 -3.84
N ALA D 80 2.71 -21.71 -2.51
CA ALA D 80 3.11 -20.47 -1.87
C ALA D 80 4.57 -20.17 -2.14
N PHE D 81 5.44 -21.18 -2.06
CA PHE D 81 6.86 -20.92 -2.31
C PHE D 81 7.08 -20.44 -3.73
N VAL D 82 6.46 -21.10 -4.72
CA VAL D 82 6.68 -20.74 -6.11
C VAL D 82 6.14 -19.33 -6.38
N PHE D 83 4.95 -19.03 -5.86
CA PHE D 83 4.40 -17.69 -6.03
C PHE D 83 5.31 -16.64 -5.40
N THR D 84 5.87 -16.93 -4.23
CA THR D 84 6.76 -15.98 -3.59
C THR D 84 8.02 -15.78 -4.41
N VAL D 85 8.58 -16.86 -4.97
CA VAL D 85 9.76 -16.72 -5.81
C VAL D 85 9.45 -15.85 -7.02
N LEU D 86 8.29 -16.07 -7.64
CA LEU D 86 7.91 -15.24 -8.78
C LEU D 86 7.77 -13.78 -8.39
N ILE D 87 7.14 -13.51 -7.24
CA ILE D 87 6.96 -12.14 -6.80
C ILE D 87 8.32 -11.49 -6.52
N ILE D 88 9.23 -12.24 -5.90
CA ILE D 88 10.56 -11.72 -5.63
C ILE D 88 11.29 -11.42 -6.93
N ALA D 89 11.20 -12.32 -7.90
CA ALA D 89 11.83 -12.06 -9.19
C ALA D 89 11.27 -10.79 -9.81
N ILE D 90 9.94 -10.65 -9.81
CA ILE D 90 9.32 -9.44 -10.36
C ILE D 90 9.87 -8.22 -9.65
N LEU D 91 9.84 -8.21 -8.32
CA LEU D 91 10.23 -7.02 -7.57
C LEU D 91 11.70 -6.69 -7.81
N VAL D 92 12.59 -7.66 -7.65
CA VAL D 92 14.01 -7.38 -7.74
C VAL D 92 14.40 -7.01 -9.17
N VAL D 93 13.98 -7.80 -10.15
CA VAL D 93 14.37 -7.53 -11.53
C VAL D 93 13.77 -6.22 -12.00
N GLY D 94 12.49 -5.98 -11.70
CA GLY D 94 11.88 -4.72 -12.08
C GLY D 94 12.54 -3.53 -11.42
N SER D 95 12.86 -3.64 -10.13
CA SER D 95 13.53 -2.53 -9.46
C SER D 95 14.89 -2.28 -10.08
N ILE D 96 15.67 -3.34 -10.34
CA ILE D 96 17.00 -3.14 -10.91
C ILE D 96 16.90 -2.52 -12.29
N TRP D 97 15.97 -3.01 -13.12
CA TRP D 97 15.80 -2.47 -14.47
C TRP D 97 15.37 -1.02 -14.42
N ILE D 98 14.37 -0.71 -13.59
CA ILE D 98 13.86 0.65 -13.48
C ILE D 98 14.96 1.58 -13.00
N MET D 99 15.70 1.17 -11.97
CA MET D 99 16.73 2.04 -11.41
C MET D 99 17.90 2.20 -12.37
N TRP D 100 18.26 1.15 -13.11
CA TRP D 100 19.30 1.29 -14.10
C TRP D 100 18.90 2.32 -15.14
N ASN D 101 17.66 2.22 -15.65
CA ASN D 101 17.21 3.18 -16.65
C ASN D 101 17.13 4.59 -16.07
N LEU D 102 16.61 4.73 -14.86
CA LEU D 102 16.51 6.04 -14.23
C LEU D 102 17.89 6.66 -14.05
N ASN D 103 18.83 5.89 -13.50
CA ASN D 103 20.17 6.41 -13.27
C ASN D 103 20.84 6.78 -14.58
N TYR D 104 20.64 5.98 -15.62
CA TYR D 104 21.21 6.33 -16.92
C TYR D 104 20.62 7.65 -17.42
N ASN D 105 19.31 7.83 -17.26
N ASN D 105 19.30 7.82 -17.26
CA ASN D 105 18.66 9.06 -17.68
CA ASN D 105 18.66 9.06 -17.68
C ASN D 105 18.94 10.24 -16.75
C ASN D 105 18.97 10.24 -16.77
N MET D 106 19.53 10.00 -15.59
CA MET D 106 19.87 11.08 -14.66
C MET D 106 21.25 11.67 -14.92
N MET D 107 22.02 11.10 -15.84
CA MET D 107 23.41 11.50 -16.01
C MET D 107 23.51 12.81 -16.78
N MET D 108 24.70 13.42 -16.71
CA MET D 108 24.97 14.69 -17.37
C MET D 108 25.35 14.46 -18.84
N HIS D 109 24.44 13.82 -19.57
CA HIS D 109 24.64 13.63 -21.00
C HIS D 109 23.47 14.22 -21.78
#